data_7MFH
#
_entry.id   7MFH
#
_cell.length_a   61.020
_cell.length_b   61.620
_cell.length_c   67.320
_cell.angle_alpha   89.071
_cell.angle_beta   74.202
_cell.angle_gamma   79.877
#
_symmetry.space_group_name_H-M   'P 1'
#
loop_
_entity.id
_entity.type
_entity.pdbx_description
1 polymer 'Ectonucleotide pyrophosphatase/phosphodiesterase family member 2'
2 branched alpha-D-mannopyranose-(1-2)-alpha-D-mannopyranose-(1-3)-alpha-D-mannopyranose-(1-6)-beta-D-mannopyranose-(1-4)-2-acetamido-2-deoxy-beta-D-glucopyranose-(1-4)-2-acetamido-2-deoxy-beta-D-glucopyranose
3 branched 2-acetamido-2-deoxy-beta-D-glucopyranose-(1-4)-2-acetamido-2-deoxy-beta-D-glucopyranose
4 non-polymer '(1R,3S,5S)-8-{(1S)-1-[8-(trifluoromethyl)-7-{[(1s,4R)-4-(trifluoromethyl)cyclohexyl]oxy}naphthalen-2-yl]ethyl}-8-azabicyclo[3.2.1]octane-3-carboxylic acid'
5 non-polymer 'IODIDE ION'
6 non-polymer 1,2-ETHANEDIOL
7 non-polymer 'ZINC ION'
8 non-polymer DI(HYDROXYETHYL)ETHER
9 water water
#
_entity_poly.entity_id   1
_entity_poly.type   'polypeptide(L)'
_entity_poly.pdbx_seq_one_letter_code
;AEWDEGPPTVLSDSPWTNTSGSGSCKGRCFELQEVPPDCRCDNLCKSYSSCCHDFDELCLKTARGWECTKDRCGEVRNEE
NACHCSEDCLSRGDCCTNYQVVCKGESHWVDDDCEEIRVPECPAGFVRPPLIIFSVDGFRASYMKKGSKVMPNIEKLRSC
GTHAPYMRPVYPTKTFPNLYTLATGLYPESHGIVGNSMYDPVFDATFHLRGREKFNHRWWGGQPLWITATKQGVRAGTFF
WSVSIPHERRILTILQWLSLPDNERPSVYAFYSEQPDFSGHKYGPFGPEMTNPLREIDKTVGQLMDGLKQLKLHRCVNVI
FVGDHGMEDVTCDRTEFLSNYLTNVDDITLVPGTLGRIRPKIPNNLKYDPKAIIANLTCKKPDQHFKPYMKQHLPKRLHY
ANNRRIEDLHLLVERRWHVARKPLDVYKKPSGKCFFQGDHGFDNKVNSMQTVFVGYGPTFKYRTKVPPFENIELYNVMCD
LLGLKPAPNNGTHGSLNHLLRTNTFRPTLPEEVSRPNYPGIMYLQSDFDLGCTCDDKNKLEELNKRLHTKGSTEERHLLY
GRPAVLYRTSYDILYHTDFESGYSEIFLMPLWTSYTISKQAEVSSIPEHLTNCVRPDVRVSPGFSQNCLAYKNDKQMSYG
FLFPPYLSSSPEAKYDAFLVTNMVPMYPAFKRVWTYFQRVLVKKYASERNGVNVISGPIFDYNYNGLRDIEDEIKQYVEG
SSIPVPTHYYSIITSCLDFTQPADKCDGPLSVSSFILPHRPDNDESCNSSEDESKWVEELMKMHTARVRDIEHLTGLDFY
RKTSRSYSEILTLKTYLHTYESEISRENLYFQ
;
_entity_poly.pdbx_strand_id   A
#
loop_
_chem_comp.id
_chem_comp.type
_chem_comp.name
_chem_comp.formula
BMA D-saccharide, beta linking beta-D-mannopyranose 'C6 H12 O6'
EDO non-polymer 1,2-ETHANEDIOL 'C2 H6 O2'
IOD non-polymer 'IODIDE ION' 'I -1'
MAN D-saccharide, alpha linking alpha-D-mannopyranose 'C6 H12 O6'
NAG D-saccharide, beta linking 2-acetamido-2-deoxy-beta-D-glucopyranose 'C8 H15 N O6'
PEG non-polymer DI(HYDROXYETHYL)ETHER 'C4 H10 O3'
ZF7 non-polymer '(1R,3S,5S)-8-{(1S)-1-[8-(trifluoromethyl)-7-{[(1s,4R)-4-(trifluoromethyl)cyclohexyl]oxy}naphthalen-2-yl]ethyl}-8-azabicyclo[3.2.1]octane-3-carboxylic acid' 'C28 H31 F6 N O3'
ZN non-polymer 'ZINC ION' 'Zn 2'
#
# COMPACT_ATOMS: atom_id res chain seq x y z
N ASN A 18 9.04 16.95 43.49
CA ASN A 18 9.98 15.93 43.05
C ASN A 18 10.57 16.28 41.68
N THR A 19 10.67 15.28 40.81
CA THR A 19 11.09 15.54 39.44
C THR A 19 10.09 16.45 38.73
N SER A 20 8.79 16.24 38.96
CA SER A 20 7.74 17.06 38.38
C SER A 20 7.19 18.06 39.39
N GLY A 21 6.70 17.58 40.53
CA GLY A 21 6.01 18.43 41.47
C GLY A 21 4.51 18.36 41.25
N SER A 22 3.81 19.36 41.79
CA SER A 22 2.35 19.43 41.63
C SER A 22 1.92 20.89 41.75
N GLY A 23 1.63 21.51 40.62
CA GLY A 23 0.92 22.78 40.55
C GLY A 23 -0.56 22.57 40.37
N SER A 24 -1.22 23.53 39.74
CA SER A 24 -2.66 23.45 39.49
C SER A 24 -2.94 23.43 38.00
N CYS A 25 -3.90 22.60 37.58
CA CYS A 25 -4.36 22.55 36.20
C CYS A 25 -5.49 23.53 35.94
N LYS A 26 -5.78 24.42 36.89
CA LYS A 26 -6.84 25.41 36.72
C LYS A 26 -6.58 26.26 35.48
N GLY A 27 -7.48 26.18 34.50
CA GLY A 27 -7.30 26.91 33.27
C GLY A 27 -6.23 26.36 32.36
N ARG A 28 -5.81 25.10 32.56
CA ARG A 28 -4.77 24.49 31.75
C ARG A 28 -5.16 23.10 31.26
N CYS A 29 -6.40 22.68 31.44
CA CYS A 29 -6.80 21.32 31.12
C CYS A 29 -6.57 21.03 29.63
N PHE A 30 -5.82 19.96 29.37
CA PHE A 30 -5.49 19.53 28.01
C PHE A 30 -4.83 20.66 27.22
N GLU A 31 -3.89 21.33 27.86
CA GLU A 31 -3.10 22.36 27.19
C GLU A 31 -2.24 21.74 26.10
N LEU A 32 -1.94 22.54 25.08
CA LEU A 32 -1.05 22.12 24.02
C LEU A 32 0.39 22.58 24.24
N GLN A 33 0.59 23.54 25.14
CA GLN A 33 1.93 24.08 25.38
C GLN A 33 2.80 23.01 26.05
N GLU A 34 4.06 22.95 25.64
CA GLU A 34 4.99 22.01 26.24
C GLU A 34 5.43 22.51 27.61
N VAL A 35 5.35 21.63 28.59
CA VAL A 35 5.73 21.98 29.96
C VAL A 35 6.46 20.82 30.62
N PRO A 36 10.38 16.95 33.04
CA PRO A 36 10.09 18.37 32.89
C PRO A 36 9.96 19.08 34.24
N PRO A 37 10.43 20.33 34.33
CA PRO A 37 10.42 21.04 35.62
C PRO A 37 9.05 21.12 36.27
N ASP A 38 8.03 21.53 35.53
CA ASP A 38 6.71 21.81 36.10
C ASP A 38 5.73 20.69 35.81
N CYS A 39 4.64 20.67 36.58
CA CYS A 39 3.61 19.65 36.43
C CYS A 39 2.75 19.91 35.20
N ARG A 40 2.34 18.83 34.54
CA ARG A 40 1.72 18.88 33.23
C ARG A 40 0.21 18.66 33.32
N CYS A 41 -0.48 19.09 32.26
CA CYS A 41 -1.93 18.91 32.16
C CYS A 41 -2.36 18.48 30.76
N ASP A 42 -1.48 17.80 30.01
CA ASP A 42 -1.74 17.47 28.63
C ASP A 42 -2.43 16.11 28.50
N ASN A 43 -2.64 15.68 27.25
CA ASN A 43 -3.31 14.41 27.00
C ASN A 43 -2.51 13.23 27.53
N LEU A 44 -1.18 13.33 27.53
CA LEU A 44 -0.32 12.22 27.89
C LEU A 44 0.35 12.41 29.24
N CYS A 45 -0.12 13.36 30.06
CA CYS A 45 0.52 13.59 31.35
C CYS A 45 0.42 12.36 32.23
N LYS A 46 -0.74 11.69 32.21
CA LYS A 46 -0.87 10.44 32.97
C LYS A 46 0.17 9.43 32.53
N SER A 47 0.38 9.31 31.21
CA SER A 47 1.31 8.33 30.66
C SER A 47 2.73 8.51 31.17
N TYR A 48 3.09 9.72 31.61
CA TYR A 48 4.39 9.97 32.22
C TYR A 48 4.28 10.25 33.72
N SER A 49 3.08 10.10 34.29
CA SER A 49 2.83 10.30 35.72
C SER A 49 3.25 11.68 36.18
N SER A 50 3.10 12.68 35.32
CA SER A 50 3.54 14.04 35.61
C SER A 50 2.37 15.02 35.68
N CYS A 51 1.15 14.54 35.85
CA CYS A 51 0.02 15.45 36.00
C CYS A 51 0.09 16.15 37.36
N CYS A 52 -0.81 17.11 37.55
CA CYS A 52 -0.93 17.83 38.80
C CYS A 52 -2.06 17.24 39.63
N HIS A 53 -2.03 17.53 40.93
CA HIS A 53 -2.93 16.85 41.86
C HIS A 53 -4.39 17.02 41.47
N ASP A 54 -4.75 18.18 40.93
CA ASP A 54 -6.12 18.47 40.56
C ASP A 54 -6.45 18.09 39.12
N PHE A 55 -5.54 17.43 38.40
CA PHE A 55 -5.78 17.10 37.00
C PHE A 55 -7.03 16.23 36.84
N ASP A 56 -7.10 15.13 37.60
CA ASP A 56 -8.26 14.25 37.50
C ASP A 56 -9.54 14.97 37.90
N GLU A 57 -9.49 15.74 38.98
CA GLU A 57 -10.68 16.40 39.49
C GLU A 57 -11.11 17.57 38.61
N LEU A 58 -10.16 18.23 37.95
CA LEU A 58 -10.49 19.40 37.14
C LEU A 58 -10.76 19.05 35.69
N CYS A 59 -10.01 18.10 35.12
CA CYS A 59 -10.10 17.81 33.69
C CYS A 59 -10.87 16.54 33.37
N LEU A 60 -10.77 15.50 34.19
CA LEU A 60 -11.44 14.23 33.91
C LEU A 60 -12.74 14.14 34.70
N LYS A 61 -13.68 15.01 34.33
CA LYS A 61 -14.99 15.05 34.97
C LYS A 61 -15.96 14.16 34.20
N THR A 62 -16.78 13.42 34.95
CA THR A 62 -17.75 12.50 34.37
C THR A 62 -19.16 12.69 34.91
N ALA A 63 -19.36 13.62 35.84
CA ALA A 63 -20.66 13.74 36.52
C ALA A 63 -21.79 13.99 35.54
N ARG A 64 -22.85 13.21 35.69
CA ARG A 64 -24.10 13.34 34.93
C ARG A 64 -23.92 13.06 33.43
N GLY A 65 -22.89 12.30 33.08
CA GLY A 65 -22.78 11.81 31.72
C GLY A 65 -22.36 12.87 30.70
N TRP A 66 -22.63 12.57 29.44
CA TRP A 66 -22.20 13.39 28.32
C TRP A 66 -23.35 13.98 27.51
N GLU A 67 -24.60 13.74 27.90
CA GLU A 67 -25.75 14.19 27.13
C GLU A 67 -26.65 15.06 28.01
N CYS A 68 -27.16 16.14 27.41
CA CYS A 68 -28.11 17.00 28.10
C CYS A 68 -29.50 16.38 28.09
N THR A 69 -30.28 16.69 29.12
CA THR A 69 -31.67 16.29 29.24
C THR A 69 -32.54 17.52 29.42
N LYS A 70 -33.86 17.31 29.47
CA LYS A 70 -34.78 18.42 29.66
C LYS A 70 -34.57 19.09 31.01
N ASP A 71 -34.35 18.31 32.06
CA ASP A 71 -34.17 18.86 33.40
C ASP A 71 -32.95 19.78 33.49
N ARG A 72 -31.96 19.59 32.62
CA ARG A 72 -30.72 20.34 32.68
C ARG A 72 -30.73 21.63 31.86
N CYS A 73 -31.78 21.86 31.07
CA CYS A 73 -31.83 23.05 30.24
C CYS A 73 -31.98 24.30 31.11
N GLY A 74 -31.08 25.26 30.91
CA GLY A 74 -31.10 26.46 31.72
C GLY A 74 -30.66 26.26 33.15
N GLU A 75 -29.96 25.16 33.44
CA GLU A 75 -29.56 24.84 34.79
C GLU A 75 -28.53 25.85 35.31
N VAL A 76 -28.38 25.89 36.63
CA VAL A 76 -27.30 26.65 37.25
C VAL A 76 -26.01 25.87 37.08
N ARG A 77 -24.94 26.57 36.69
CA ARG A 77 -23.70 25.92 36.31
C ARG A 77 -23.08 25.22 37.51
N ASN A 78 -23.10 23.89 37.49
CA ASN A 78 -22.33 23.07 38.42
C ASN A 78 -21.06 22.64 37.72
N GLU A 79 -19.91 23.10 38.21
CA GLU A 79 -18.66 22.76 37.57
C GLU A 79 -18.32 21.28 37.68
N GLU A 80 -18.98 20.55 38.58
CA GLU A 80 -18.71 19.13 38.75
C GLU A 80 -19.09 18.32 37.50
N ASN A 81 -20.10 18.78 36.76
CA ASN A 81 -20.60 18.02 35.63
C ASN A 81 -19.57 17.93 34.51
N ALA A 82 -19.62 16.82 33.76
CA ALA A 82 -18.69 16.62 32.67
C ALA A 82 -18.90 17.66 31.57
N CYS A 83 -20.14 17.90 31.20
CA CYS A 83 -20.50 18.96 30.27
C CYS A 83 -21.74 19.66 30.81
N HIS A 84 -22.04 20.82 30.25
CA HIS A 84 -23.04 21.72 30.82
C HIS A 84 -24.19 21.93 29.86
N CYS A 85 -25.33 22.34 30.42
CA CYS A 85 -26.55 22.62 29.67
C CYS A 85 -27.13 23.98 30.06
N SER A 86 -26.29 24.93 30.42
CA SER A 86 -26.71 26.28 30.75
C SER A 86 -26.54 27.20 29.54
N GLU A 87 -27.20 28.36 29.61
CA GLU A 87 -27.12 29.31 28.51
C GLU A 87 -25.68 29.75 28.25
N ASP A 88 -24.88 29.86 29.30
CA ASP A 88 -23.50 30.34 29.18
C ASP A 88 -22.56 29.33 28.54
N CYS A 89 -22.96 28.07 28.40
CA CYS A 89 -22.02 27.03 27.99
C CYS A 89 -21.49 27.28 26.59
N LEU A 90 -22.25 27.95 25.72
CA LEU A 90 -21.75 28.28 24.40
C LEU A 90 -20.63 29.31 24.48
N SER A 91 -20.78 30.31 25.34
CA SER A 91 -19.72 31.30 25.52
C SER A 91 -18.49 30.70 26.19
N ARG A 92 -18.69 29.89 27.24
CA ARG A 92 -17.58 29.27 27.93
C ARG A 92 -17.08 28.00 27.24
N GLY A 93 -17.77 27.54 26.20
CA GLY A 93 -17.23 26.51 25.34
C GLY A 93 -17.27 25.09 25.85
N ASP A 94 -18.22 24.74 26.72
CA ASP A 94 -18.26 23.38 27.28
C ASP A 94 -19.68 22.85 27.41
N CYS A 95 -20.51 23.05 26.39
CA CYS A 95 -21.78 22.35 26.37
C CYS A 95 -21.57 20.87 26.02
N CYS A 96 -22.61 20.08 26.26
CA CYS A 96 -22.66 18.75 25.67
C CYS A 96 -22.98 18.86 24.19
N THR A 97 -22.60 17.82 23.44
CA THR A 97 -22.80 17.83 21.99
C THR A 97 -24.27 17.94 21.60
N ASN A 98 -25.18 17.55 22.48
CA ASN A 98 -26.60 17.53 22.18
C ASN A 98 -27.36 18.67 22.87
N TYR A 99 -26.65 19.70 23.33
CA TYR A 99 -27.31 20.78 24.07
C TYR A 99 -28.32 21.51 23.19
N GLN A 100 -27.94 21.83 21.95
CA GLN A 100 -28.81 22.62 21.09
C GLN A 100 -30.04 21.84 20.66
N VAL A 101 -29.89 20.55 20.38
CA VAL A 101 -31.03 19.75 19.96
C VAL A 101 -32.00 19.54 21.12
N VAL A 102 -31.47 19.33 22.32
CA VAL A 102 -32.35 19.11 23.47
C VAL A 102 -32.92 20.43 23.98
N CYS A 103 -32.06 21.43 24.20
CA CYS A 103 -32.49 22.62 24.91
C CYS A 103 -32.84 23.79 23.99
N LYS A 104 -32.52 23.72 22.70
CA LYS A 104 -32.84 24.82 21.79
C LYS A 104 -33.62 24.39 20.56
N GLY A 105 -34.16 23.17 20.55
CA GLY A 105 -35.02 22.74 19.46
C GLY A 105 -34.36 22.55 18.12
N GLU A 106 -33.03 22.50 18.08
CA GLU A 106 -32.33 22.28 16.83
C GLU A 106 -32.38 20.79 16.48
N SER A 107 -31.64 20.38 15.46
CA SER A 107 -31.67 19.01 14.97
C SER A 107 -30.26 18.42 14.97
N HIS A 108 -30.19 17.10 15.10
CA HIS A 108 -28.93 16.41 14.96
C HIS A 108 -28.40 16.57 13.54
N TRP A 109 -27.07 16.59 13.41
CA TRP A 109 -26.46 16.73 12.10
C TRP A 109 -26.84 15.58 11.17
N VAL A 110 -27.11 14.40 11.74
CA VAL A 110 -27.50 13.27 10.91
C VAL A 110 -28.89 13.46 10.31
N ASP A 111 -29.77 14.18 11.00
CA ASP A 111 -31.12 14.41 10.50
C ASP A 111 -31.20 15.48 9.44
N ASP A 112 -30.13 16.24 9.23
CA ASP A 112 -30.10 17.26 8.19
C ASP A 112 -29.75 16.64 6.85
N ASP A 113 -30.38 17.15 5.80
CA ASP A 113 -30.05 16.70 4.44
C ASP A 113 -28.66 17.19 4.06
N CYS A 114 -28.03 16.47 3.13
CA CYS A 114 -26.74 16.90 2.62
C CYS A 114 -26.88 18.20 1.85
N GLU A 115 -25.96 19.13 2.09
CA GLU A 115 -25.86 20.36 1.32
C GLU A 115 -24.42 20.51 0.87
N GLU A 116 -24.21 20.66 -0.43
CA GLU A 116 -22.86 20.70 -0.98
C GLU A 116 -22.09 21.90 -0.45
N ILE A 117 -20.92 21.64 0.11
CA ILE A 117 -20.04 22.70 0.61
C ILE A 117 -19.12 23.09 -0.54
N ARG A 118 -19.60 24.00 -1.38
CA ARG A 118 -18.80 24.45 -2.52
C ARG A 118 -17.60 25.26 -2.05
N VAL A 119 -17.77 26.09 -1.03
CA VAL A 119 -16.68 26.86 -0.46
C VAL A 119 -16.66 26.66 1.05
N PRO A 120 -15.50 26.68 1.70
CA PRO A 120 -15.47 26.51 3.17
C PRO A 120 -16.14 27.68 3.87
N GLU A 121 -17.16 27.38 4.68
CA GLU A 121 -17.86 28.38 5.47
C GLU A 121 -17.31 28.33 6.89
N CYS A 122 -16.14 28.98 7.08
CA CYS A 122 -15.38 29.00 8.32
C CYS A 122 -15.54 30.34 9.03
N PRO A 123 -15.41 30.35 10.36
CA PRO A 123 -15.47 31.62 11.09
C PRO A 123 -14.25 32.48 10.81
N ALA A 124 -14.39 33.77 11.09
CA ALA A 124 -13.29 34.70 10.93
C ALA A 124 -12.12 34.31 11.82
N GLY A 125 -10.92 34.42 11.29
CA GLY A 125 -9.72 33.92 11.95
C GLY A 125 -9.27 32.55 11.48
N PHE A 126 -10.09 31.86 10.69
CA PHE A 126 -9.74 30.57 10.12
C PHE A 126 -9.11 30.79 8.75
N VAL A 127 -7.79 30.65 8.67
CA VAL A 127 -7.11 30.81 7.39
C VAL A 127 -7.39 29.62 6.48
N ARG A 128 -7.46 28.42 7.05
CA ARG A 128 -7.69 27.20 6.28
C ARG A 128 -8.76 26.35 6.95
N PRO A 129 -9.44 25.51 6.20
CA PRO A 129 -10.32 24.50 6.81
C PRO A 129 -9.51 23.54 7.66
N PRO A 130 -9.91 23.34 8.92
CA PRO A 130 -9.24 22.34 9.75
C PRO A 130 -9.47 20.94 9.23
N LEU A 131 -8.51 20.06 9.49
CA LEU A 131 -8.60 18.65 9.10
C LEU A 131 -8.69 17.79 10.35
N ILE A 132 -9.73 16.95 10.40
CA ILE A 132 -9.94 16.02 11.50
C ILE A 132 -9.85 14.61 10.94
N ILE A 133 -8.90 13.82 11.44
CA ILE A 133 -8.70 12.46 10.98
C ILE A 133 -9.33 11.52 12.00
N PHE A 134 -10.37 10.81 11.58
CA PHE A 134 -11.11 9.88 12.44
C PHE A 134 -10.76 8.47 11.98
N SER A 135 -9.87 7.82 12.71
CA SER A 135 -9.38 6.49 12.37
C SER A 135 -10.03 5.44 13.26
N VAL A 136 -10.33 4.29 12.67
CA VAL A 136 -11.01 3.19 13.37
C VAL A 136 -10.23 1.90 13.11
N ASP A 137 -10.09 1.10 14.17
CA ASP A 137 -9.28 -0.12 14.13
C ASP A 137 -10.13 -1.31 13.68
N GLY A 138 -9.65 -2.02 12.66
CA GLY A 138 -10.30 -3.25 12.24
C GLY A 138 -11.64 -3.09 11.55
N PHE A 139 -11.86 -1.97 10.86
CA PHE A 139 -13.12 -1.69 10.20
C PHE A 139 -13.12 -2.33 8.82
N ARG A 140 -13.87 -3.42 8.66
CA ARG A 140 -14.07 -4.02 7.35
C ARG A 140 -14.87 -3.08 6.46
N ALA A 141 -14.51 -3.05 5.17
CA ALA A 141 -15.31 -2.29 4.21
C ALA A 141 -16.72 -2.87 4.10
N SER A 142 -16.86 -4.19 4.25
CA SER A 142 -18.17 -4.82 4.17
C SER A 142 -19.09 -4.38 5.31
N TYR A 143 -18.55 -3.77 6.36
CA TYR A 143 -19.39 -3.26 7.43
C TYR A 143 -20.29 -2.13 6.95
N MET A 144 -19.86 -1.38 5.93
CA MET A 144 -20.67 -0.30 5.40
C MET A 144 -21.94 -0.80 4.72
N LYS A 145 -22.01 -2.10 4.39
CA LYS A 145 -23.25 -2.68 3.88
C LYS A 145 -24.36 -2.60 4.91
N LYS A 146 -24.00 -2.64 6.20
CA LYS A 146 -24.99 -2.42 7.25
C LYS A 146 -25.70 -1.09 7.07
N GLY A 147 -25.02 -0.10 6.52
CA GLY A 147 -25.65 1.12 6.07
C GLY A 147 -26.23 1.96 7.20
N SER A 148 -27.22 2.76 6.83
CA SER A 148 -27.88 3.66 7.77
C SER A 148 -28.63 2.92 8.87
N LYS A 149 -28.83 1.61 8.72
CA LYS A 149 -29.48 0.83 9.77
C LYS A 149 -28.70 0.93 11.08
N VAL A 150 -27.38 0.76 11.02
CA VAL A 150 -26.56 0.71 12.21
C VAL A 150 -25.76 1.99 12.41
N MET A 151 -25.28 2.59 11.33
CA MET A 151 -24.38 3.75 11.40
C MET A 151 -24.93 4.88 10.54
N PRO A 152 -25.95 5.59 11.04
CA PRO A 152 -26.51 6.70 10.24
C PRO A 152 -25.55 7.85 10.03
N ASN A 153 -24.82 8.27 11.07
CA ASN A 153 -23.90 9.38 10.93
C ASN A 153 -22.79 9.06 9.94
N ILE A 154 -22.22 7.86 10.03
CA ILE A 154 -21.15 7.48 9.12
C ILE A 154 -21.66 7.40 7.69
N GLU A 155 -22.86 6.84 7.51
CA GLU A 155 -23.41 6.71 6.17
C GLU A 155 -23.65 8.08 5.53
N LYS A 156 -24.08 9.06 6.33
CA LYS A 156 -24.23 10.41 5.79
C LYS A 156 -22.89 10.95 5.31
N LEU A 157 -21.83 10.74 6.08
CA LEU A 157 -20.50 11.15 5.63
C LEU A 157 -20.12 10.44 4.34
N ARG A 158 -20.46 9.15 4.22
CA ARG A 158 -20.14 8.40 3.01
C ARG A 158 -20.98 8.87 1.83
N SER A 159 -22.29 9.06 2.04
CA SER A 159 -23.18 9.34 0.92
C SER A 159 -22.95 10.74 0.36
N CYS A 160 -22.86 11.74 1.21
CA CYS A 160 -22.75 13.13 0.77
C CYS A 160 -21.31 13.58 0.57
N GLY A 161 -20.32 12.72 0.86
CA GLY A 161 -18.93 13.06 0.69
C GLY A 161 -18.27 12.28 -0.43
N THR A 162 -16.95 12.14 -0.32
CA THR A 162 -16.16 11.35 -1.25
C THR A 162 -15.77 10.04 -0.58
N HIS A 163 -16.03 8.93 -1.27
CA HIS A 163 -15.81 7.62 -0.69
C HIS A 163 -15.31 6.65 -1.74
N ALA A 164 -14.49 5.71 -1.30
CA ALA A 164 -14.06 4.57 -2.08
C ALA A 164 -14.77 3.32 -1.62
N PRO A 165 -15.03 2.35 -2.50
CA PRO A 165 -15.63 1.10 -2.05
C PRO A 165 -14.81 0.40 -0.99
N TYR A 166 -13.50 0.55 -1.02
CA TYR A 166 -12.59 0.02 -0.01
C TYR A 166 -11.22 0.64 -0.23
N MET A 167 -10.40 0.59 0.81
CA MET A 167 -9.02 1.06 0.74
C MET A 167 -8.09 -0.09 1.06
N ARG A 168 -7.05 -0.26 0.26
CA ARG A 168 -6.12 -1.37 0.47
C ARG A 168 -5.10 -1.01 1.55
N PRO A 169 -4.97 -1.81 2.59
CA PRO A 169 -3.93 -1.58 3.60
C PRO A 169 -2.56 -2.02 3.09
N VAL A 170 -1.56 -1.89 3.96
CA VAL A 170 -0.22 -2.38 3.65
C VAL A 170 0.00 -3.70 4.37
N TYR A 171 0.95 -4.48 3.85
CA TYR A 171 1.34 -5.73 4.49
C TYR A 171 2.46 -5.48 5.49
N PRO A 172 2.38 -6.03 6.71
CA PRO A 172 1.28 -6.89 7.18
C PRO A 172 0.05 -6.07 7.56
N THR A 173 -1.16 -6.63 7.42
CA THR A 173 -2.37 -5.92 7.79
C THR A 173 -2.60 -6.02 9.30
N LYS A 174 -1.64 -5.45 10.03
CA LYS A 174 -1.69 -5.28 11.47
C LYS A 174 -1.88 -3.81 11.78
N THR A 175 -2.15 -3.52 13.06
CA THR A 175 -2.69 -2.22 13.45
C THR A 175 -1.66 -1.11 13.32
N PHE A 176 -0.53 -1.23 14.01
CA PHE A 176 0.44 -0.15 14.03
C PHE A 176 1.18 0.02 12.70
N PRO A 177 1.57 -1.04 11.99
CA PRO A 177 2.16 -0.84 10.66
C PRO A 177 1.26 -0.08 9.71
N ASN A 178 -0.06 -0.27 9.80
CA ASN A 178 -0.97 0.44 8.91
C ASN A 178 -1.25 1.85 9.41
N LEU A 179 -1.36 2.03 10.73
CA LEU A 179 -1.58 3.38 11.27
C LEU A 179 -0.42 4.30 10.94
N TYR A 180 0.82 3.79 11.07
CA TYR A 180 1.97 4.63 10.77
C TYR A 180 2.16 4.84 9.28
N THR A 181 1.78 3.86 8.46
CA THR A 181 1.82 4.06 7.02
C THR A 181 0.91 5.20 6.60
N LEU A 182 -0.29 5.27 7.20
CA LEU A 182 -1.18 6.39 6.96
C LEU A 182 -0.53 7.70 7.37
N ALA A 183 0.19 7.70 8.49
CA ALA A 183 0.80 8.94 9.00
C ALA A 183 1.98 9.38 8.14
N THR A 184 2.65 8.43 7.47
CA THR A 184 3.88 8.73 6.76
C THR A 184 3.81 8.56 5.25
N GLY A 185 2.85 7.81 4.74
CA GLY A 185 2.86 7.48 3.33
C GLY A 185 3.96 6.53 2.92
N LEU A 186 4.55 5.83 3.89
CA LEU A 186 5.67 4.94 3.65
C LEU A 186 5.25 3.48 3.82
N TYR A 187 5.92 2.60 3.08
CA TYR A 187 5.76 1.18 3.33
C TYR A 187 6.35 0.84 4.70
N PRO A 188 5.83 -0.21 5.35
CA PRO A 188 6.38 -0.58 6.67
C PRO A 188 7.87 -0.85 6.67
N GLU A 189 8.41 -1.42 5.59
CA GLU A 189 9.86 -1.58 5.49
C GLU A 189 10.58 -0.25 5.54
N SER A 190 9.90 0.85 5.19
CA SER A 190 10.51 2.17 5.13
C SER A 190 10.36 2.96 6.42
N HIS A 191 9.16 2.99 7.00
CA HIS A 191 9.00 3.72 8.26
C HIS A 191 9.43 2.91 9.46
N GLY A 192 9.69 1.61 9.29
CA GLY A 192 10.33 0.81 10.31
C GLY A 192 9.39 -0.01 11.17
N ILE A 193 8.09 0.29 11.17
CA ILE A 193 7.12 -0.48 11.97
C ILE A 193 6.64 -1.61 11.06
N VAL A 194 7.42 -2.69 11.03
CA VAL A 194 7.13 -3.82 10.15
C VAL A 194 6.18 -4.82 10.78
N GLY A 195 5.73 -4.59 12.00
CA GLY A 195 4.77 -5.48 12.63
C GLY A 195 4.38 -4.95 13.99
N ASN A 196 3.33 -5.55 14.55
CA ASN A 196 2.96 -5.26 15.92
C ASN A 196 3.98 -5.83 16.89
N SER A 197 4.66 -6.90 16.50
CA SER A 197 5.75 -7.49 17.26
C SER A 197 6.97 -7.57 16.36
N MET A 198 8.12 -7.13 16.87
CA MET A 198 9.33 -7.07 16.06
C MET A 198 10.55 -7.05 16.96
N TYR A 199 11.67 -7.48 16.39
CA TYR A 199 12.95 -7.48 17.07
C TYR A 199 13.97 -6.72 16.23
N ASP A 200 14.62 -5.73 16.83
CA ASP A 200 15.65 -4.98 16.14
C ASP A 200 17.01 -5.47 16.61
N PRO A 201 17.81 -6.12 15.76
CA PRO A 201 19.12 -6.61 16.22
C PRO A 201 20.05 -5.52 16.70
N VAL A 202 20.00 -4.34 16.09
CA VAL A 202 20.85 -3.24 16.52
C VAL A 202 20.49 -2.79 17.93
N PHE A 203 19.19 -2.68 18.21
CA PHE A 203 18.75 -2.28 19.55
C PHE A 203 18.89 -3.41 20.56
N ASP A 204 18.89 -4.66 20.10
CA ASP A 204 18.77 -5.83 20.98
C ASP A 204 17.55 -5.70 21.88
N ALA A 205 16.47 -5.18 21.30
CA ALA A 205 15.23 -4.93 22.02
C ALA A 205 14.05 -5.33 21.16
N THR A 206 12.90 -5.54 21.79
CA THR A 206 11.70 -6.02 21.11
C THR A 206 10.56 -5.02 21.27
N PHE A 207 9.88 -4.74 20.16
CA PHE A 207 8.72 -3.87 20.11
C PHE A 207 7.47 -4.71 20.26
N HIS A 208 6.53 -4.24 21.08
CA HIS A 208 5.32 -5.01 21.34
C HIS A 208 4.13 -4.08 21.50
N LEU A 209 2.94 -4.64 21.28
CA LEU A 209 1.71 -3.88 21.51
C LEU A 209 1.59 -3.44 22.95
N ARG A 210 2.13 -4.23 23.88
CA ARG A 210 2.13 -3.92 25.30
C ARG A 210 3.57 -3.74 25.76
N GLY A 211 3.85 -2.59 26.37
CA GLY A 211 5.19 -2.30 26.84
C GLY A 211 5.62 -0.88 26.57
N ARG A 212 6.72 -0.45 27.18
CA ARG A 212 7.21 0.91 27.03
C ARG A 212 8.12 1.10 25.82
N GLU A 213 8.67 0.00 25.29
CA GLU A 213 9.56 0.12 24.15
C GLU A 213 8.87 0.73 22.93
N LYS A 214 7.55 0.53 22.81
CA LYS A 214 6.83 1.08 21.68
C LYS A 214 6.75 2.61 21.72
N PHE A 215 6.86 3.21 22.91
CA PHE A 215 6.87 4.66 23.01
C PHE A 215 8.22 5.28 22.70
N ASN A 216 9.29 4.48 22.67
CA ASN A 216 10.59 5.00 22.28
C ASN A 216 10.57 5.39 20.80
N HIS A 217 10.95 6.63 20.51
CA HIS A 217 10.80 7.16 19.17
C HIS A 217 11.81 6.59 18.18
N ARG A 218 12.83 5.87 18.66
CA ARG A 218 13.84 5.32 17.76
C ARG A 218 13.24 4.31 16.78
N TRP A 219 12.12 3.68 17.15
CA TRP A 219 11.49 2.71 16.26
C TRP A 219 10.79 3.38 15.08
N TRP A 220 10.32 4.61 15.27
CA TRP A 220 9.40 5.25 14.33
C TRP A 220 10.19 6.15 13.38
N GLY A 221 10.45 5.64 12.18
CA GLY A 221 11.18 6.38 11.17
C GLY A 221 10.27 7.19 10.27
N GLY A 222 10.85 7.70 9.19
CA GLY A 222 10.11 8.54 8.28
C GLY A 222 9.76 9.88 8.92
N GLN A 223 8.80 10.56 8.32
CA GLN A 223 8.29 11.82 8.85
C GLN A 223 6.77 11.77 8.93
N PRO A 224 6.21 11.52 10.10
CA PRO A 224 4.75 11.48 10.23
C PRO A 224 4.13 12.85 9.98
N LEU A 225 2.81 12.84 9.79
CA LEU A 225 2.10 14.05 9.37
C LEU A 225 2.27 15.18 10.37
N TRP A 226 2.18 14.87 11.67
CA TRP A 226 2.27 15.92 12.68
C TRP A 226 3.65 16.56 12.71
N ILE A 227 4.71 15.80 12.42
CA ILE A 227 6.04 16.39 12.31
C ILE A 227 6.14 17.24 11.04
N THR A 228 5.58 16.75 9.94
CA THR A 228 5.60 17.52 8.69
C THR A 228 4.86 18.83 8.85
N ALA A 229 3.70 18.80 9.52
CA ALA A 229 2.98 20.03 9.81
C ALA A 229 3.79 20.94 10.72
N THR A 230 4.42 20.37 11.76
CA THR A 230 5.16 21.15 12.74
C THR A 230 6.33 21.87 12.09
N LYS A 231 7.12 21.16 11.27
CA LYS A 231 8.28 21.75 10.64
C LYS A 231 7.92 22.81 9.62
N GLN A 232 6.65 22.89 9.21
CA GLN A 232 6.21 23.87 8.22
C GLN A 232 5.23 24.89 8.81
N GLY A 233 5.23 25.05 10.13
CA GLY A 233 4.51 26.14 10.77
C GLY A 233 3.03 25.93 10.97
N VAL A 234 2.51 24.72 10.73
CA VAL A 234 1.10 24.41 10.95
C VAL A 234 0.96 23.76 12.30
N ARG A 235 0.08 24.30 13.14
CA ARG A 235 -0.09 23.79 14.49
C ARG A 235 -0.82 22.45 14.46
N ALA A 236 -0.19 21.43 15.03
CA ALA A 236 -0.80 20.12 15.20
C ALA A 236 -1.25 19.96 16.65
N GLY A 237 -2.51 19.61 16.84
CA GLY A 237 -2.99 19.28 18.15
C GLY A 237 -2.40 17.97 18.66
N THR A 238 -2.39 17.84 19.98
CA THR A 238 -1.94 16.61 20.61
C THR A 238 -2.85 15.46 20.17
N PHE A 239 -2.33 14.57 19.33
CA PHE A 239 -3.16 13.53 18.74
C PHE A 239 -3.43 12.38 19.70
N PHE A 240 -2.49 12.08 20.58
CA PHE A 240 -2.45 10.81 21.28
C PHE A 240 -2.87 11.00 22.74
N TRP A 241 -3.73 10.10 23.20
CA TRP A 241 -4.37 10.21 24.50
C TRP A 241 -3.94 9.06 25.40
N SER A 242 -3.86 9.34 26.70
CA SER A 242 -3.71 8.28 27.68
C SER A 242 -4.96 7.41 27.72
N VAL A 243 -4.75 6.12 27.97
CA VAL A 243 -5.83 5.14 27.79
C VAL A 243 -7.00 5.43 28.71
N SER A 244 -6.73 5.91 29.92
CA SER A 244 -7.77 6.07 30.94
C SER A 244 -8.78 7.15 30.61
N ILE A 245 -8.52 8.00 29.61
CA ILE A 245 -9.41 9.12 29.28
C ILE A 245 -10.47 8.59 28.32
N PRO A 246 -11.76 8.73 28.64
CA PRO A 246 -12.81 8.16 27.79
C PRO A 246 -12.88 8.86 26.42
N HIS A 247 -13.49 8.15 25.46
CA HIS A 247 -13.63 8.68 24.11
C HIS A 247 -14.42 9.97 24.08
N GLU A 248 -15.49 10.04 24.87
CA GLU A 248 -16.34 11.23 24.88
C GLU A 248 -15.56 12.46 25.34
N ARG A 249 -14.69 12.30 26.35
CA ARG A 249 -13.86 13.41 26.80
C ARG A 249 -12.92 13.88 25.68
N ARG A 250 -12.35 12.94 24.92
CA ARG A 250 -11.49 13.32 23.81
C ARG A 250 -12.25 14.10 22.76
N ILE A 251 -13.52 13.73 22.52
CA ILE A 251 -14.32 14.45 21.53
C ILE A 251 -14.59 15.87 21.99
N LEU A 252 -14.97 16.05 23.26
CA LEU A 252 -15.22 17.39 23.78
C LEU A 252 -13.95 18.24 23.78
N THR A 253 -12.80 17.61 24.02
CA THR A 253 -11.54 18.36 24.00
C THR A 253 -11.21 18.88 22.61
N ILE A 254 -11.39 18.04 21.59
CA ILE A 254 -11.12 18.46 20.21
C ILE A 254 -12.02 19.63 19.84
N LEU A 255 -13.28 19.60 20.27
CA LEU A 255 -14.18 20.72 20.05
C LEU A 255 -13.68 21.97 20.78
N GLN A 256 -13.20 21.81 22.01
CA GLN A 256 -12.66 22.95 22.75
C GLN A 256 -11.42 23.52 22.06
N TRP A 257 -10.57 22.65 21.52
CA TRP A 257 -9.39 23.12 20.79
C TRP A 257 -9.79 23.95 19.58
N LEU A 258 -10.87 23.57 18.90
CA LEU A 258 -11.35 24.34 17.76
C LEU A 258 -11.89 25.70 18.18
N SER A 259 -12.22 25.88 19.45
CA SER A 259 -12.68 27.16 19.99
C SER A 259 -11.54 27.99 20.55
N LEU A 260 -10.29 27.52 20.46
CA LEU A 260 -9.16 28.25 20.98
C LEU A 260 -8.91 29.52 20.18
N PRO A 261 -8.20 30.50 20.75
CA PRO A 261 -7.85 31.70 20.00
C PRO A 261 -7.03 31.38 18.75
N ASP A 262 -7.01 32.34 17.83
CA ASP A 262 -6.42 32.11 16.52
C ASP A 262 -4.94 31.74 16.62
N ASN A 263 -4.22 32.31 17.58
CA ASN A 263 -2.80 32.05 17.71
C ASN A 263 -2.48 30.72 18.37
N GLU A 264 -3.50 29.97 18.82
CA GLU A 264 -3.28 28.66 19.44
C GLU A 264 -4.07 27.52 18.80
N ARG A 265 -5.13 27.80 18.05
CA ARG A 265 -5.99 26.76 17.53
C ARG A 265 -5.24 25.86 16.56
N PRO A 266 -5.21 24.54 16.79
CA PRO A 266 -4.57 23.64 15.83
C PRO A 266 -5.35 23.57 14.52
N SER A 267 -4.64 23.17 13.47
CA SER A 267 -5.26 23.01 12.16
C SER A 267 -5.56 21.56 11.80
N VAL A 268 -4.92 20.59 12.47
CA VAL A 268 -5.11 19.18 12.19
C VAL A 268 -5.40 18.45 13.50
N TYR A 269 -6.44 17.60 13.48
CA TYR A 269 -6.86 16.86 14.66
C TYR A 269 -6.99 15.38 14.31
N ALA A 270 -6.83 14.54 15.31
CA ALA A 270 -6.89 13.09 15.12
C ALA A 270 -7.67 12.44 16.25
N PHE A 271 -8.58 11.54 15.89
CA PHE A 271 -9.28 10.69 16.84
C PHE A 271 -9.09 9.25 16.40
N TYR A 272 -8.66 8.39 17.34
CA TYR A 272 -8.46 6.98 17.07
C TYR A 272 -9.33 6.15 18.01
N SER A 273 -9.97 5.12 17.46
CA SER A 273 -10.79 4.21 18.23
C SER A 273 -10.29 2.78 18.01
N GLU A 274 -10.25 2.00 19.10
CA GLU A 274 -9.82 0.62 19.01
C GLU A 274 -10.91 -0.32 18.52
N GLN A 275 -12.17 0.14 18.51
CA GLN A 275 -13.27 -0.64 17.97
C GLN A 275 -13.42 -0.39 16.48
N PRO A 276 -14.02 -1.33 15.73
CA PRO A 276 -14.59 -2.61 16.19
C PRO A 276 -13.58 -3.75 16.24
N ASP A 277 -12.28 -3.43 16.21
CA ASP A 277 -11.27 -4.47 16.15
C ASP A 277 -11.32 -5.37 17.38
N PHE A 278 -11.49 -4.78 18.57
CA PHE A 278 -11.52 -5.57 19.79
C PHE A 278 -12.64 -6.59 19.76
N SER A 279 -13.85 -6.16 19.38
CA SER A 279 -14.98 -7.08 19.31
C SER A 279 -14.81 -8.08 18.17
N GLY A 280 -14.28 -7.63 17.04
CA GLY A 280 -14.13 -8.52 15.89
C GLY A 280 -13.24 -9.70 16.20
N HIS A 281 -12.18 -9.49 16.98
CA HIS A 281 -11.31 -10.58 17.38
C HIS A 281 -12.07 -11.60 18.21
N LYS A 282 -12.87 -11.11 19.17
CA LYS A 282 -13.47 -12.01 20.15
C LYS A 282 -14.78 -12.63 19.65
N TYR A 283 -15.49 -11.98 18.71
CA TYR A 283 -16.78 -12.45 18.20
C TYR A 283 -16.80 -12.91 16.76
N GLY A 284 -15.82 -12.52 15.94
CA GLY A 284 -15.86 -12.80 14.53
C GLY A 284 -16.46 -11.64 13.75
N PRO A 285 -15.94 -11.42 12.54
CA PRO A 285 -16.40 -10.26 11.75
C PRO A 285 -17.88 -10.28 11.42
N PHE A 286 -18.49 -11.45 11.27
CA PHE A 286 -19.90 -11.55 10.94
C PHE A 286 -20.76 -11.87 12.15
N GLY A 287 -20.23 -11.74 13.36
CA GLY A 287 -20.96 -12.02 14.57
C GLY A 287 -22.13 -11.07 14.78
N PRO A 288 -23.23 -11.59 15.34
CA PRO A 288 -24.41 -10.73 15.57
C PRO A 288 -24.15 -9.53 16.47
N GLU A 289 -23.27 -9.64 17.47
CA GLU A 289 -22.96 -8.49 18.30
C GLU A 289 -21.83 -7.64 17.73
N MET A 290 -21.55 -7.77 16.43
CA MET A 290 -20.78 -6.73 15.75
C MET A 290 -21.54 -5.42 15.75
N THR A 291 -22.87 -5.48 15.84
CA THR A 291 -23.70 -4.30 15.71
C THR A 291 -23.46 -3.30 16.83
N ASN A 292 -23.32 -3.79 18.07
CA ASN A 292 -23.17 -2.88 19.20
C ASN A 292 -21.92 -2.00 19.09
N PRO A 293 -20.72 -2.52 18.84
CA PRO A 293 -19.58 -1.60 18.62
C PRO A 293 -19.77 -0.65 17.46
N LEU A 294 -20.38 -1.12 16.36
CA LEU A 294 -20.58 -0.25 15.21
C LEU A 294 -21.50 0.91 15.54
N ARG A 295 -22.56 0.65 16.30
CA ARG A 295 -23.43 1.74 16.76
C ARG A 295 -22.68 2.69 17.67
N GLU A 296 -21.84 2.16 18.56
CA GLU A 296 -21.10 3.01 19.49
C GLU A 296 -20.12 3.92 18.75
N ILE A 297 -19.46 3.40 17.71
CA ILE A 297 -18.60 4.24 16.88
C ILE A 297 -19.42 5.34 16.22
N ASP A 298 -20.57 4.97 15.67
CA ASP A 298 -21.42 5.96 15.01
C ASP A 298 -21.91 7.03 15.98
N LYS A 299 -22.25 6.62 17.20
CA LYS A 299 -22.67 7.60 18.21
C LYS A 299 -21.54 8.57 18.52
N THR A 300 -20.31 8.08 18.57
CA THR A 300 -19.16 8.97 18.77
C THR A 300 -19.03 9.94 17.60
N VAL A 301 -19.21 9.46 16.37
CA VAL A 301 -19.18 10.35 15.21
C VAL A 301 -20.30 11.36 15.29
N GLY A 302 -21.49 10.93 15.69
CA GLY A 302 -22.61 11.85 15.82
C GLY A 302 -22.35 12.94 16.84
N GLN A 303 -21.68 12.60 17.94
CA GLN A 303 -21.30 13.61 18.92
C GLN A 303 -20.37 14.64 18.30
N LEU A 304 -19.40 14.19 17.50
CA LEU A 304 -18.48 15.10 16.84
C LEU A 304 -19.23 16.02 15.88
N MET A 305 -20.07 15.44 15.02
CA MET A 305 -20.77 16.24 14.03
C MET A 305 -21.79 17.17 14.69
N ASP A 306 -22.48 16.69 15.72
CA ASP A 306 -23.38 17.56 16.47
C ASP A 306 -22.61 18.71 17.11
N GLY A 307 -21.44 18.42 17.69
CA GLY A 307 -20.64 19.46 18.30
C GLY A 307 -20.11 20.46 17.28
N LEU A 308 -19.64 19.98 16.14
CA LEU A 308 -19.17 20.88 15.09
C LEU A 308 -20.30 21.78 14.60
N LYS A 309 -21.50 21.23 14.48
CA LYS A 309 -22.67 22.04 14.12
C LYS A 309 -22.96 23.08 15.20
N GLN A 310 -22.76 22.72 16.47
CA GLN A 310 -22.95 23.68 17.54
C GLN A 310 -21.98 24.85 17.43
N LEU A 311 -20.73 24.56 17.07
CA LEU A 311 -19.72 25.59 16.86
C LEU A 311 -19.77 26.19 15.46
N LYS A 312 -20.78 25.84 14.66
CA LYS A 312 -20.92 26.33 13.29
C LYS A 312 -19.68 26.00 12.46
N LEU A 313 -19.15 24.79 12.65
CA LEU A 313 -17.98 24.34 11.92
C LEU A 313 -18.28 23.13 11.04
N HIS A 314 -19.56 22.75 10.90
CA HIS A 314 -19.92 21.57 10.13
C HIS A 314 -19.71 21.77 8.63
N ARG A 315 -19.79 23.01 8.15
CA ARG A 315 -19.50 23.34 6.76
C ARG A 315 -18.14 23.99 6.59
N CYS A 316 -17.24 23.78 7.56
CA CYS A 316 -15.90 24.36 7.53
C CYS A 316 -14.79 23.33 7.65
N VAL A 317 -15.03 22.24 8.36
CA VAL A 317 -13.99 21.27 8.66
C VAL A 317 -14.00 20.16 7.60
N ASN A 318 -12.81 19.63 7.31
CA ASN A 318 -12.66 18.46 6.46
C ASN A 318 -12.49 17.24 7.36
N VAL A 319 -13.37 16.26 7.21
CA VAL A 319 -13.38 15.06 8.04
C VAL A 319 -12.98 13.87 7.19
N ILE A 320 -12.03 13.08 7.70
CA ILE A 320 -11.60 11.84 7.07
C ILE A 320 -11.95 10.70 8.01
N PHE A 321 -12.80 9.78 7.53
CA PHE A 321 -13.12 8.56 8.26
C PHE A 321 -12.36 7.43 7.57
N VAL A 322 -11.39 6.86 8.27
CA VAL A 322 -10.44 5.93 7.66
C VAL A 322 -10.19 4.77 8.62
N GLY A 323 -9.97 3.58 8.06
CA GLY A 323 -9.57 2.42 8.82
C GLY A 323 -8.17 1.99 8.45
N ASP A 324 -7.62 1.10 9.27
CA ASP A 324 -6.27 0.60 9.03
C ASP A 324 -6.24 -0.79 8.40
N HIS A 325 -7.24 -1.63 8.67
CA HIS A 325 -7.30 -2.98 8.12
C HIS A 325 -8.68 -3.55 8.39
N GLY A 326 -8.93 -4.72 7.82
CA GLY A 326 -10.17 -5.45 7.98
C GLY A 326 -10.09 -6.49 9.06
N MET A 327 -10.92 -7.53 8.92
CA MET A 327 -10.99 -8.60 9.91
C MET A 327 -11.52 -9.87 9.24
N GLU A 328 -10.91 -11.01 9.58
CA GLU A 328 -11.23 -12.28 8.96
C GLU A 328 -11.57 -13.31 10.03
N ASP A 329 -12.43 -14.27 9.67
CA ASP A 329 -12.75 -15.37 10.57
C ASP A 329 -11.52 -16.23 10.82
N VAL A 330 -10.96 -16.16 12.03
CA VAL A 330 -9.81 -16.97 12.42
C VAL A 330 -10.09 -17.59 13.78
N THR A 331 -9.97 -18.92 13.87
CA THR A 331 -10.13 -19.64 15.12
C THR A 331 -8.95 -20.56 15.32
N CYS A 332 -8.75 -20.98 16.58
CA CYS A 332 -7.65 -21.89 16.90
C CYS A 332 -7.84 -23.27 16.27
N ASP A 333 -9.05 -23.60 15.83
CA ASP A 333 -9.29 -24.84 15.11
C ASP A 333 -8.66 -24.85 13.73
N ARG A 334 -8.14 -23.70 13.28
CA ARG A 334 -7.48 -23.59 11.99
C ARG A 334 -6.03 -23.12 12.19
N THR A 335 -5.31 -23.78 13.09
CA THR A 335 -3.94 -23.42 13.42
C THR A 335 -2.97 -24.45 12.88
N GLU A 336 -2.00 -23.99 12.10
CA GLU A 336 -0.87 -24.82 11.69
C GLU A 336 0.24 -24.72 12.73
N PHE A 337 0.94 -25.83 12.92
CA PHE A 337 2.02 -25.91 13.89
C PHE A 337 3.32 -26.27 13.18
N LEU A 338 4.38 -25.51 13.47
CA LEU A 338 5.68 -25.79 12.87
C LEU A 338 6.27 -27.10 13.38
N SER A 339 5.81 -27.60 14.53
CA SER A 339 6.36 -28.83 15.09
C SER A 339 5.98 -30.05 14.26
N ASN A 340 5.01 -29.93 13.37
CA ASN A 340 4.68 -31.01 12.44
C ASN A 340 5.51 -30.95 11.17
N TYR A 341 6.47 -30.03 11.09
CA TYR A 341 7.34 -29.90 9.93
C TYR A 341 8.80 -29.94 10.35
N LEU A 342 9.10 -29.38 11.52
CA LEU A 342 10.46 -29.13 11.96
C LEU A 342 10.82 -30.02 13.16
N THR A 343 12.12 -30.26 13.32
CA THR A 343 12.64 -31.03 14.44
C THR A 343 13.40 -30.19 15.46
N ASN A 344 13.49 -28.88 15.25
CA ASN A 344 14.28 -28.00 16.11
C ASN A 344 13.47 -26.78 16.52
N VAL A 345 12.20 -26.99 16.88
CA VAL A 345 11.33 -25.86 17.21
C VAL A 345 11.86 -25.08 18.41
N ASP A 346 12.62 -25.74 19.29
CA ASP A 346 13.23 -25.05 20.42
C ASP A 346 14.51 -24.31 20.04
N ASP A 347 15.02 -24.52 18.84
CA ASP A 347 16.20 -23.81 18.34
C ASP A 347 15.84 -22.54 17.59
N ILE A 348 14.56 -22.24 17.43
CA ILE A 348 14.12 -21.11 16.62
C ILE A 348 13.20 -20.21 17.45
N THR A 349 13.00 -19.00 16.94
CA THR A 349 12.02 -18.06 17.48
C THR A 349 11.07 -17.68 16.34
N LEU A 350 9.77 -17.68 16.62
CA LEU A 350 8.77 -17.45 15.59
C LEU A 350 7.82 -16.34 16.02
N VAL A 351 7.64 -15.36 15.14
CA VAL A 351 6.57 -14.38 15.30
C VAL A 351 5.29 -15.04 14.77
N PRO A 352 4.33 -15.36 15.64
CA PRO A 352 3.23 -16.24 15.22
C PRO A 352 2.02 -15.50 14.69
N GLY A 353 0.99 -16.25 14.30
CA GLY A 353 -0.29 -15.68 13.95
C GLY A 353 -0.65 -15.77 12.48
N THR A 354 -1.31 -14.72 11.97
CA THR A 354 -1.72 -14.58 10.58
C THR A 354 -0.55 -14.33 9.65
N LEU A 355 0.66 -14.36 10.21
CA LEU A 355 1.89 -14.28 9.44
C LEU A 355 2.97 -15.01 10.22
N GLY A 356 4.04 -15.38 9.53
CA GLY A 356 5.14 -16.07 10.16
C GLY A 356 6.49 -15.47 9.86
N ARG A 357 7.28 -15.23 10.90
CA ARG A 357 8.66 -14.79 10.76
C ARG A 357 9.51 -15.67 11.67
N ILE A 358 10.50 -16.35 11.09
CA ILE A 358 11.33 -17.29 11.82
C ILE A 358 12.74 -16.71 11.95
N ARG A 359 13.39 -17.07 13.06
CA ARG A 359 14.65 -16.50 13.49
C ARG A 359 15.32 -17.53 14.38
N PRO A 360 16.65 -17.57 14.47
CA PRO A 360 17.26 -18.45 15.47
C PRO A 360 16.99 -17.93 16.87
N LYS A 361 16.66 -18.86 17.77
CA LYS A 361 16.44 -18.45 19.16
C LYS A 361 17.72 -17.89 19.76
N ILE A 362 18.85 -18.49 19.44
CA ILE A 362 20.14 -18.04 19.96
C ILE A 362 21.14 -17.91 18.82
N PRO A 363 21.92 -16.83 18.77
CA PRO A 363 23.07 -16.78 17.87
C PRO A 363 24.12 -17.79 18.31
N ASN A 364 25.09 -18.03 17.42
CA ASN A 364 26.18 -18.99 17.57
C ASN A 364 25.70 -20.43 17.59
N ASN A 365 24.40 -20.68 17.42
CA ASN A 365 23.89 -22.03 17.22
C ASN A 365 24.37 -22.51 15.86
N LEU A 366 25.37 -23.40 15.86
CA LEU A 366 25.90 -23.95 14.62
C LEU A 366 24.96 -24.96 13.97
N LYS A 367 23.91 -25.40 14.66
CA LYS A 367 22.94 -26.34 14.13
C LYS A 367 21.72 -25.64 13.54
N TYR A 368 21.84 -24.35 13.23
CA TYR A 368 20.76 -23.58 12.64
C TYR A 368 21.06 -23.32 11.17
N ASP A 369 20.32 -23.98 10.29
CA ASP A 369 20.46 -23.78 8.85
C ASP A 369 19.13 -23.29 8.28
N PRO A 370 19.06 -22.05 7.80
CA PRO A 370 17.81 -21.59 7.17
C PRO A 370 17.42 -22.39 5.95
N LYS A 371 18.39 -22.93 5.21
CA LYS A 371 18.07 -23.74 4.04
C LYS A 371 17.30 -25.00 4.43
N ALA A 372 17.71 -25.65 5.53
CA ALA A 372 17.02 -26.85 5.98
C ALA A 372 15.62 -26.53 6.49
N ILE A 373 15.43 -25.36 7.10
CA ILE A 373 14.11 -24.99 7.60
C ILE A 373 13.16 -24.70 6.44
N ILE A 374 13.64 -23.98 5.42
CA ILE A 374 12.79 -23.68 4.27
C ILE A 374 12.37 -24.96 3.57
N ALA A 375 13.33 -25.87 3.35
CA ALA A 375 13.02 -27.11 2.65
C ALA A 375 12.00 -27.95 3.41
N ASN A 376 12.14 -28.03 4.74
CA ASN A 376 11.23 -28.82 5.54
C ASN A 376 9.84 -28.20 5.66
N LEU A 377 9.68 -26.95 5.22
CA LEU A 377 8.38 -26.29 5.21
C LEU A 377 7.78 -26.19 3.80
N THR A 378 8.46 -26.73 2.80
CA THR A 378 8.08 -26.53 1.41
C THR A 378 7.20 -27.69 0.93
N CYS A 379 5.91 -27.43 0.74
CA CYS A 379 4.96 -28.36 0.14
C CYS A 379 5.07 -29.77 0.74
N LYS A 380 4.86 -29.84 2.05
CA LYS A 380 4.90 -31.10 2.76
C LYS A 380 3.52 -31.68 3.03
N LYS A 381 2.47 -30.87 2.89
CA LYS A 381 1.10 -31.35 3.07
C LYS A 381 0.25 -30.87 1.89
N PRO A 382 -0.68 -31.71 1.43
CA PRO A 382 -1.45 -31.34 0.23
C PRO A 382 -2.27 -30.08 0.38
N ASP A 383 -2.71 -29.76 1.60
CA ASP A 383 -3.50 -28.55 1.87
C ASP A 383 -2.76 -27.62 2.81
N GLN A 384 -1.43 -27.58 2.71
CA GLN A 384 -0.59 -26.79 3.60
C GLN A 384 -1.03 -25.33 3.59
N HIS A 385 -1.41 -24.81 4.76
CA HIS A 385 -2.04 -23.50 4.86
C HIS A 385 -1.03 -22.38 5.13
N PHE A 386 0.23 -22.58 4.75
CA PHE A 386 1.22 -21.51 4.73
C PHE A 386 2.27 -21.88 3.70
N LYS A 387 3.02 -20.86 3.27
CA LYS A 387 4.07 -21.04 2.27
C LYS A 387 5.34 -20.37 2.76
N PRO A 388 6.44 -21.11 2.95
CA PRO A 388 7.69 -20.47 3.35
C PRO A 388 8.25 -19.59 2.23
N TYR A 389 8.98 -18.56 2.64
CA TYR A 389 9.57 -17.60 1.71
C TYR A 389 10.85 -17.03 2.31
N MET A 390 11.91 -17.01 1.53
CA MET A 390 12.96 -16.02 1.76
C MET A 390 12.37 -14.65 1.41
N LYS A 391 12.65 -13.65 2.24
CA LYS A 391 11.96 -12.38 2.08
C LYS A 391 12.21 -11.75 0.71
N GLN A 392 13.39 -12.00 0.12
CA GLN A 392 13.68 -11.48 -1.20
C GLN A 392 12.80 -12.10 -2.29
N HIS A 393 12.22 -13.27 -2.02
CA HIS A 393 11.35 -13.93 -2.98
C HIS A 393 9.87 -13.63 -2.75
N LEU A 394 9.56 -12.83 -1.73
CA LEU A 394 8.18 -12.42 -1.52
C LEU A 394 7.70 -11.59 -2.70
N PRO A 395 6.41 -11.62 -3.00
CA PRO A 395 5.89 -10.78 -4.10
C PRO A 395 6.25 -9.32 -3.86
N LYS A 396 6.72 -8.67 -4.92
CA LYS A 396 7.24 -7.31 -4.79
C LYS A 396 6.16 -6.31 -4.43
N ARG A 397 4.89 -6.65 -4.69
CA ARG A 397 3.79 -5.77 -4.32
C ARG A 397 3.71 -5.59 -2.81
N LEU A 398 4.17 -6.58 -2.03
CA LEU A 398 4.12 -6.47 -0.59
C LEU A 398 5.16 -5.49 -0.06
N HIS A 399 6.26 -5.29 -0.80
CA HIS A 399 7.34 -4.40 -0.40
C HIS A 399 7.82 -4.69 1.02
N TYR A 400 8.03 -5.97 1.31
CA TYR A 400 8.42 -6.41 2.65
C TYR A 400 9.73 -7.18 2.56
N ALA A 401 10.84 -6.47 2.37
CA ALA A 401 12.16 -7.10 2.50
C ALA A 401 13.23 -6.17 3.08
N ASN A 402 13.08 -4.86 2.88
CA ASN A 402 14.19 -3.93 3.07
C ASN A 402 14.13 -3.32 4.47
N ASN A 403 14.45 -4.17 5.45
CA ASN A 403 14.53 -3.74 6.84
C ASN A 403 15.22 -4.83 7.64
N ARG A 404 16.12 -4.41 8.54
CA ARG A 404 16.79 -5.36 9.42
C ARG A 404 15.83 -6.01 10.41
N ARG A 405 14.68 -5.40 10.65
CA ARG A 405 13.68 -5.97 11.54
C ARG A 405 12.82 -7.03 10.87
N ILE A 406 12.96 -7.23 9.56
CA ILE A 406 12.24 -8.26 8.83
C ILE A 406 13.14 -9.49 8.72
N GLU A 407 12.69 -10.60 9.29
CA GLU A 407 13.49 -11.82 9.29
C GLU A 407 13.61 -12.39 7.88
N ASP A 408 14.73 -13.07 7.63
CA ASP A 408 14.97 -13.67 6.32
C ASP A 408 13.90 -14.70 5.99
N LEU A 409 13.52 -15.52 6.96
CA LEU A 409 12.50 -16.54 6.77
C LEU A 409 11.13 -15.91 7.01
N HIS A 410 10.25 -16.01 6.01
CA HIS A 410 8.90 -15.50 6.14
C HIS A 410 7.89 -16.55 5.70
N LEU A 411 6.76 -16.59 6.41
CA LEU A 411 5.68 -17.52 6.11
C LEU A 411 4.43 -16.72 5.76
N LEU A 412 3.95 -16.91 4.54
CA LEU A 412 2.69 -16.30 4.11
C LEU A 412 1.56 -17.24 4.48
N VAL A 413 0.71 -16.81 5.40
CA VAL A 413 -0.38 -17.63 5.91
C VAL A 413 -1.62 -17.38 5.08
N GLU A 414 -2.29 -18.45 4.67
CA GLU A 414 -3.53 -18.30 3.93
C GLU A 414 -4.62 -17.75 4.84
N ARG A 415 -5.58 -17.06 4.22
CA ARG A 415 -6.65 -16.42 4.97
C ARG A 415 -7.40 -17.44 5.83
N ARG A 416 -7.93 -16.95 6.95
CA ARG A 416 -8.68 -17.71 7.95
C ARG A 416 -7.81 -18.66 8.77
N TRP A 417 -6.48 -18.66 8.58
CA TRP A 417 -5.63 -19.65 9.21
C TRP A 417 -4.55 -18.97 10.05
N HIS A 418 -4.00 -19.75 11.00
CA HIS A 418 -2.97 -19.30 11.91
C HIS A 418 -1.78 -20.24 11.83
N VAL A 419 -0.60 -19.75 12.19
CA VAL A 419 0.60 -20.56 12.30
C VAL A 419 1.21 -20.36 13.68
N ALA A 420 1.47 -21.46 14.37
CA ALA A 420 2.12 -21.45 15.66
C ALA A 420 3.30 -22.41 15.64
N ARG A 421 4.09 -22.39 16.71
CA ARG A 421 5.29 -23.21 16.78
C ARG A 421 5.03 -24.62 17.31
N LYS A 422 4.08 -24.78 18.22
CA LYS A 422 3.87 -26.02 18.96
C LYS A 422 2.50 -25.96 19.62
N PRO A 423 1.64 -26.99 19.47
CA PRO A 423 0.34 -27.00 20.16
C PRO A 423 0.46 -26.88 21.68
N CYS A 434 -11.23 -21.87 21.59
CA CYS A 434 -10.46 -20.65 21.38
C CYS A 434 -11.09 -19.48 22.12
N PHE A 435 -10.31 -18.44 22.36
CA PHE A 435 -10.80 -17.19 22.91
C PHE A 435 -11.05 -16.13 21.84
N PHE A 436 -10.87 -16.49 20.57
CA PHE A 436 -11.01 -15.55 19.47
C PHE A 436 -11.72 -16.21 18.31
N GLN A 437 -12.41 -15.38 17.51
CA GLN A 437 -13.02 -15.82 16.27
C GLN A 437 -12.61 -14.96 15.08
N GLY A 438 -11.80 -13.94 15.29
CA GLY A 438 -11.35 -13.08 14.22
C GLY A 438 -9.91 -12.66 14.42
N ASP A 439 -9.21 -12.46 13.30
CA ASP A 439 -7.85 -11.94 13.32
C ASP A 439 -7.54 -11.37 11.94
N HIS A 440 -6.37 -10.74 11.85
CA HIS A 440 -5.95 -10.07 10.62
C HIS A 440 -4.43 -10.11 10.56
N GLY A 441 -3.89 -9.68 9.41
CA GLY A 441 -2.46 -9.67 9.22
C GLY A 441 -2.06 -10.25 7.87
N PHE A 442 -3.03 -10.83 7.17
CA PHE A 442 -2.77 -11.54 5.93
C PHE A 442 -2.34 -10.59 4.81
N ASP A 443 -2.00 -11.20 3.67
CA ASP A 443 -1.76 -10.49 2.42
C ASP A 443 -2.79 -9.38 2.21
N ASN A 444 -2.29 -8.17 1.90
CA ASN A 444 -3.17 -7.00 1.84
C ASN A 444 -4.11 -7.03 0.64
N LYS A 445 -3.93 -7.95 -0.30
CA LYS A 445 -4.88 -8.10 -1.40
C LYS A 445 -6.09 -8.94 -1.02
N VAL A 446 -6.07 -9.58 0.16
CA VAL A 446 -7.19 -10.41 0.58
C VAL A 446 -8.40 -9.50 0.88
N ASN A 447 -9.55 -9.89 0.33
CA ASN A 447 -10.73 -9.02 0.39
C ASN A 447 -11.15 -8.70 1.83
N SER A 448 -10.93 -9.64 2.75
CA SER A 448 -11.35 -9.40 4.14
C SER A 448 -10.46 -8.37 4.84
N MET A 449 -9.27 -8.11 4.33
CA MET A 449 -8.37 -7.14 4.94
C MET A 449 -8.59 -5.72 4.44
N GLN A 450 -9.43 -5.53 3.42
CA GLN A 450 -9.73 -4.20 2.94
C GLN A 450 -10.50 -3.41 3.99
N THR A 451 -10.26 -2.10 4.02
CA THR A 451 -10.87 -1.22 5.02
C THR A 451 -11.52 -0.02 4.36
N VAL A 452 -11.90 0.98 5.14
CA VAL A 452 -12.78 2.05 4.66
C VAL A 452 -12.00 3.35 4.49
N PHE A 453 -12.47 4.17 3.55
CA PHE A 453 -12.07 5.57 3.46
C PHE A 453 -13.30 6.41 3.13
N VAL A 454 -13.47 7.51 3.86
CA VAL A 454 -14.51 8.50 3.59
C VAL A 454 -13.89 9.89 3.71
N GLY A 455 -14.17 10.75 2.75
CA GLY A 455 -13.77 12.13 2.82
C GLY A 455 -14.95 13.08 2.76
N TYR A 456 -15.09 13.92 3.77
CA TYR A 456 -16.22 14.84 3.88
C TYR A 456 -15.71 16.21 4.27
N GLY A 457 -16.16 17.25 3.56
CA GLY A 457 -15.76 18.60 3.84
C GLY A 457 -15.69 19.48 2.61
N PRO A 458 -15.37 20.77 2.81
CA PRO A 458 -15.35 21.70 1.67
C PRO A 458 -14.38 21.32 0.58
N THR A 459 -13.19 20.81 0.93
CA THR A 459 -12.20 20.47 -0.09
C THR A 459 -12.47 19.13 -0.76
N PHE A 460 -13.34 18.31 -0.17
CA PHE A 460 -13.70 17.03 -0.76
C PHE A 460 -14.88 17.20 -1.71
N LYS A 461 -15.01 16.25 -2.63
CA LYS A 461 -16.09 16.31 -3.60
C LYS A 461 -17.40 15.87 -2.96
N TYR A 462 -18.50 16.22 -3.63
CA TYR A 462 -19.85 16.01 -3.12
C TYR A 462 -20.49 14.86 -3.86
N ARG A 463 -20.94 13.84 -3.11
CA ARG A 463 -21.63 12.67 -3.67
C ARG A 463 -20.85 12.06 -4.82
N THR A 464 -19.58 11.74 -4.55
CA THR A 464 -18.67 11.20 -5.56
C THR A 464 -18.10 9.88 -5.07
N LYS A 465 -18.10 8.88 -5.95
CA LYS A 465 -17.46 7.60 -5.69
C LYS A 465 -16.14 7.55 -6.45
N VAL A 466 -15.07 7.19 -5.75
CA VAL A 466 -13.75 7.12 -6.35
C VAL A 466 -13.31 5.66 -6.36
N PRO A 467 -12.49 5.22 -7.31
CA PRO A 467 -12.04 3.83 -7.33
C PRO A 467 -11.19 3.52 -6.11
N PRO A 468 -11.10 2.25 -5.72
CA PRO A 468 -10.27 1.89 -4.56
C PRO A 468 -8.82 2.27 -4.78
N PHE A 469 -8.16 2.63 -3.68
CA PHE A 469 -6.75 3.05 -3.70
C PHE A 469 -6.05 2.47 -2.48
N GLU A 470 -4.74 2.70 -2.40
CA GLU A 470 -3.93 2.20 -1.30
C GLU A 470 -3.68 3.29 -0.28
N ASN A 471 -3.58 2.89 0.99
CA ASN A 471 -3.45 3.85 2.07
C ASN A 471 -2.12 4.60 2.07
N ILE A 472 -1.14 4.16 1.27
CA ILE A 472 0.11 4.89 1.17
C ILE A 472 -0.08 6.23 0.46
N GLU A 473 -1.19 6.41 -0.25
CA GLU A 473 -1.44 7.64 -1.00
C GLU A 473 -2.08 8.73 -0.15
N LEU A 474 -2.53 8.42 1.06
CA LEU A 474 -3.31 9.39 1.82
C LEU A 474 -2.44 10.49 2.41
N TYR A 475 -1.17 10.19 2.68
CA TYR A 475 -0.29 11.20 3.26
C TYR A 475 -0.16 12.42 2.36
N ASN A 476 -0.04 12.20 1.04
CA ASN A 476 0.03 13.31 0.11
C ASN A 476 -1.26 14.12 0.12
N VAL A 477 -2.41 13.44 0.16
CA VAL A 477 -3.69 14.15 0.17
C VAL A 477 -3.85 14.97 1.44
N MET A 478 -3.49 14.39 2.59
CA MET A 478 -3.61 15.11 3.85
C MET A 478 -2.67 16.30 3.89
N CYS A 479 -1.48 16.16 3.30
CA CYS A 479 -0.58 17.32 3.15
C CYS A 479 -1.21 18.38 2.27
N ASP A 480 -1.89 17.97 1.20
CA ASP A 480 -2.57 18.93 0.33
C ASP A 480 -3.70 19.63 1.08
N LEU A 481 -4.46 18.88 1.88
CA LEU A 481 -5.56 19.46 2.64
C LEU A 481 -5.10 20.43 3.72
N LEU A 482 -3.82 20.42 4.07
CA LEU A 482 -3.26 21.36 5.03
C LEU A 482 -2.28 22.32 4.39
N GLY A 483 -2.11 22.27 3.07
CA GLY A 483 -1.13 23.11 2.40
C GLY A 483 0.29 22.79 2.80
N LEU A 484 0.59 21.51 2.99
CA LEU A 484 1.92 21.05 3.41
C LEU A 484 2.66 20.49 2.22
N LYS A 485 3.97 20.70 2.20
CA LYS A 485 4.82 20.01 1.24
C LYS A 485 5.11 18.61 1.75
N PRO A 486 4.68 17.56 1.05
CA PRO A 486 4.91 16.20 1.57
C PRO A 486 6.38 15.88 1.68
N ALA A 487 6.73 15.16 2.74
CA ALA A 487 8.05 14.55 2.82
C ALA A 487 8.11 13.42 1.80
N PRO A 488 9.32 13.03 1.37
CA PRO A 488 9.43 11.93 0.41
C PRO A 488 8.74 10.68 0.92
N ASN A 489 7.85 10.13 0.10
CA ASN A 489 7.04 8.97 0.48
C ASN A 489 6.73 8.16 -0.76
N ASN A 490 6.06 7.03 -0.56
CA ASN A 490 5.82 6.07 -1.64
C ASN A 490 4.46 6.24 -2.30
N GLY A 491 3.66 7.21 -1.86
CA GLY A 491 2.52 7.61 -2.63
C GLY A 491 2.93 8.25 -3.95
N THR A 492 2.00 8.28 -4.88
CA THR A 492 2.21 8.92 -6.18
C THR A 492 1.39 10.20 -6.14
N HIS A 493 2.06 11.34 -5.94
CA HIS A 493 1.36 12.59 -5.72
C HIS A 493 0.63 13.01 -7.00
N GLY A 494 -0.68 13.23 -6.87
CA GLY A 494 -1.54 13.47 -8.01
C GLY A 494 -2.39 12.29 -8.41
N SER A 495 -2.10 11.09 -7.89
CA SER A 495 -2.91 9.92 -8.21
C SER A 495 -4.27 9.96 -7.54
N LEU A 496 -4.45 10.81 -6.52
CA LEU A 496 -5.72 10.93 -5.83
C LEU A 496 -6.30 12.34 -5.92
N ASN A 497 -5.84 13.14 -6.90
CA ASN A 497 -6.38 14.47 -7.09
C ASN A 497 -7.86 14.45 -7.41
N HIS A 498 -8.38 13.34 -7.95
CA HIS A 498 -9.79 13.23 -8.28
C HIS A 498 -10.68 13.15 -7.06
N LEU A 499 -10.10 12.98 -5.86
CA LEU A 499 -10.89 13.03 -4.63
C LEU A 499 -11.26 14.44 -4.21
N LEU A 500 -10.52 15.44 -4.68
CA LEU A 500 -10.57 16.79 -4.12
C LEU A 500 -11.23 17.74 -5.11
N ARG A 501 -12.16 18.55 -4.60
CA ARG A 501 -12.78 19.60 -5.41
C ARG A 501 -11.75 20.66 -5.80
N THR A 502 -10.85 21.00 -4.88
CA THR A 502 -9.80 21.99 -5.11
C THR A 502 -8.45 21.31 -4.91
N ASN A 503 -7.68 21.19 -5.98
CA ASN A 503 -6.37 20.57 -5.95
C ASN A 503 -5.28 21.63 -6.07
N THR A 504 -4.36 21.66 -5.12
CA THR A 504 -3.24 22.57 -5.15
C THR A 504 -1.96 21.95 -5.68
N PHE A 505 -2.00 20.68 -6.10
CA PHE A 505 -0.83 20.01 -6.66
C PHE A 505 -1.09 19.67 -8.12
N ARG A 506 -0.23 20.17 -9.00
CA ARG A 506 -0.25 19.82 -10.41
C ARG A 506 0.90 18.87 -10.68
N PRO A 507 0.64 17.60 -11.00
CA PRO A 507 1.75 16.68 -11.29
C PRO A 507 2.49 17.08 -12.55
N THR A 508 3.79 16.80 -12.55
CA THR A 508 4.66 17.10 -13.70
C THR A 508 5.34 15.81 -14.14
N LEU A 509 5.25 15.53 -15.44
CA LEU A 509 5.93 14.38 -16.02
C LEU A 509 7.42 14.47 -15.74
N PRO A 510 8.07 13.40 -15.27
CA PRO A 510 9.52 13.44 -15.11
C PRO A 510 10.20 13.64 -16.45
N GLU A 511 11.31 14.36 -16.42
CA GLU A 511 12.09 14.61 -17.63
C GLU A 511 12.98 13.41 -17.93
N GLU A 512 13.12 13.10 -19.22
CA GLU A 512 14.00 12.02 -19.62
C GLU A 512 15.45 12.40 -19.39
N VAL A 513 16.24 11.46 -18.90
CA VAL A 513 17.65 11.67 -18.63
C VAL A 513 18.52 11.19 -19.78
N SER A 514 18.25 9.99 -20.28
CA SER A 514 19.03 9.39 -21.36
C SER A 514 18.20 9.36 -22.63
N ARG A 515 18.72 9.98 -23.68
CA ARG A 515 17.99 9.90 -24.93
C ARG A 515 18.48 8.70 -25.76
N PRO A 516 17.61 8.14 -26.61
CA PRO A 516 17.96 6.91 -27.31
C PRO A 516 18.71 7.15 -28.61
N ASN A 517 19.64 6.26 -28.90
CA ASN A 517 20.22 6.19 -30.22
C ASN A 517 19.27 5.43 -31.15
N TYR A 518 19.19 5.88 -32.39
CA TYR A 518 18.39 5.19 -33.39
C TYR A 518 19.33 4.57 -34.41
N PRO A 519 20.00 3.46 -34.07
CA PRO A 519 21.07 2.96 -34.94
C PRO A 519 20.54 2.33 -36.20
N GLY A 520 21.36 2.41 -37.26
CA GLY A 520 21.06 1.80 -38.52
C GLY A 520 21.81 0.49 -38.73
N ILE A 521 21.78 0.01 -39.97
CA ILE A 521 22.40 -1.27 -40.32
C ILE A 521 23.89 -1.06 -40.56
N MET A 522 24.69 -1.14 -39.49
CA MET A 522 26.06 -0.65 -39.51
C MET A 522 27.13 -1.73 -39.33
N TYR A 523 26.74 -2.98 -39.21
CA TYR A 523 27.72 -4.04 -38.99
C TYR A 523 27.47 -5.20 -39.95
N LEU A 524 28.47 -6.07 -40.02
CA LEU A 524 28.52 -7.19 -40.96
C LEU A 524 28.30 -8.48 -40.18
N GLN A 525 27.46 -9.38 -40.72
CA GLN A 525 27.23 -10.65 -40.04
C GLN A 525 28.49 -11.50 -39.94
N SER A 526 29.49 -11.24 -40.79
CA SER A 526 30.77 -11.94 -40.67
C SER A 526 31.60 -11.41 -39.52
N ASP A 527 31.31 -10.21 -39.03
CA ASP A 527 32.08 -9.61 -37.94
C ASP A 527 31.74 -10.18 -36.58
N PHE A 528 30.87 -11.18 -36.50
CA PHE A 528 30.35 -11.66 -35.23
C PHE A 528 30.95 -13.02 -34.89
N ASP A 529 31.30 -13.19 -33.62
CA ASP A 529 31.82 -14.45 -33.09
C ASP A 529 30.81 -14.97 -32.08
N LEU A 530 29.55 -14.98 -32.52
CA LEU A 530 28.40 -15.23 -31.65
C LEU A 530 28.50 -16.57 -30.94
N GLY A 531 28.90 -17.61 -31.66
CA GLY A 531 28.80 -18.96 -31.16
C GLY A 531 27.43 -19.58 -31.30
N CYS A 532 26.47 -18.86 -31.89
CA CYS A 532 25.12 -19.37 -32.08
C CYS A 532 25.00 -20.03 -33.45
N THR A 533 23.80 -20.55 -33.73
CA THR A 533 23.53 -21.27 -34.97
C THR A 533 22.16 -20.87 -35.50
N CYS A 534 21.95 -21.12 -36.79
CA CYS A 534 20.66 -20.93 -37.42
C CYS A 534 20.67 -21.52 -38.83
N THR A 553 5.00 0.43 -37.47
CA THR A 553 5.54 -0.26 -36.30
C THR A 553 5.24 0.51 -35.01
N GLU A 554 5.64 1.79 -34.97
CA GLU A 554 5.35 2.61 -33.80
C GLU A 554 3.86 2.86 -33.64
N GLU A 555 3.15 3.05 -34.76
CA GLU A 555 1.70 3.23 -34.70
C GLU A 555 1.02 2.00 -34.13
N ARG A 556 1.58 0.81 -34.35
CA ARG A 556 0.96 -0.45 -34.00
C ARG A 556 1.43 -1.02 -32.66
N HIS A 557 2.72 -0.88 -32.32
CA HIS A 557 3.27 -1.58 -31.18
C HIS A 557 3.72 -0.68 -30.03
N LEU A 558 3.90 0.61 -30.28
CA LEU A 558 4.17 1.58 -29.21
C LEU A 558 2.96 2.52 -29.15
N LEU A 559 1.94 2.08 -28.42
CA LEU A 559 0.65 2.78 -28.44
C LEU A 559 0.60 3.94 -27.46
N TYR A 560 1.40 3.92 -26.40
CA TYR A 560 1.33 4.92 -25.34
C TYR A 560 2.61 5.72 -25.22
N GLY A 561 3.41 5.77 -26.27
CA GLY A 561 4.65 6.52 -26.26
C GLY A 561 5.83 5.70 -25.80
N ARG A 562 7.01 6.19 -26.15
CA ARG A 562 8.25 5.54 -25.73
C ARG A 562 8.45 5.72 -24.24
N PRO A 563 8.76 4.65 -23.50
CA PRO A 563 9.12 4.82 -22.08
C PRO A 563 10.37 5.68 -21.96
N ALA A 564 10.36 6.56 -20.95
CA ALA A 564 11.49 7.45 -20.71
C ALA A 564 12.48 6.77 -19.77
N VAL A 565 13.75 6.81 -20.14
CA VAL A 565 14.82 6.29 -19.29
C VAL A 565 15.24 7.42 -18.36
N LEU A 566 14.89 7.30 -17.08
CA LEU A 566 15.14 8.34 -16.09
C LEU A 566 16.50 8.20 -15.41
N TYR A 567 17.44 7.49 -16.04
CA TYR A 567 18.79 7.37 -15.51
C TYR A 567 19.78 7.42 -16.67
N ARG A 568 21.04 7.63 -16.33
CA ARG A 568 22.09 7.86 -17.33
C ARG A 568 22.60 6.54 -17.86
N THR A 569 22.25 6.23 -19.12
CA THR A 569 22.78 5.07 -19.83
C THR A 569 22.78 5.35 -21.31
N SER A 570 23.29 4.39 -22.09
CA SER A 570 23.24 4.42 -23.54
C SER A 570 22.38 3.24 -24.00
N TYR A 571 21.29 3.55 -24.70
CA TYR A 571 20.39 2.51 -25.16
C TYR A 571 19.93 2.79 -26.58
N ASP A 572 19.57 1.72 -27.29
CA ASP A 572 19.21 1.77 -28.70
C ASP A 572 17.75 1.39 -28.85
N ILE A 573 17.00 2.19 -29.61
CA ILE A 573 15.64 1.84 -29.97
C ILE A 573 15.67 1.05 -31.27
N LEU A 574 15.17 -0.17 -31.23
CA LEU A 574 15.22 -1.08 -32.37
C LEU A 574 13.80 -1.37 -32.85
N TYR A 575 13.58 -1.19 -34.16
CA TYR A 575 12.27 -1.40 -34.77
C TYR A 575 12.22 -2.76 -35.47
N HIS A 576 11.05 -3.39 -35.40
CA HIS A 576 10.78 -4.63 -36.13
C HIS A 576 9.32 -4.62 -36.56
N THR A 577 8.96 -5.59 -37.40
CA THR A 577 7.59 -5.67 -37.90
C THR A 577 6.60 -5.88 -36.76
N ASP A 578 6.95 -6.72 -35.79
CA ASP A 578 6.02 -7.11 -34.74
C ASP A 578 6.36 -6.57 -33.36
N PHE A 579 7.57 -6.07 -33.14
CA PHE A 579 7.92 -5.57 -31.81
C PHE A 579 8.94 -4.45 -31.92
N GLU A 580 8.92 -3.57 -30.92
CA GLU A 580 9.86 -2.47 -30.78
C GLU A 580 10.47 -2.54 -29.38
N SER A 581 11.76 -2.24 -29.28
CA SER A 581 12.46 -2.38 -28.02
C SER A 581 13.46 -1.25 -27.84
N GLY A 582 13.82 -1.02 -26.58
CA GLY A 582 14.97 -0.21 -26.24
C GLY A 582 16.08 -1.08 -25.72
N TYR A 583 17.12 -1.30 -26.53
CA TYR A 583 18.19 -2.21 -26.18
C TYR A 583 19.29 -1.47 -25.43
N SER A 584 19.63 -1.95 -24.24
CA SER A 584 20.69 -1.34 -23.46
C SER A 584 22.05 -1.88 -23.92
N GLU A 585 22.98 -0.98 -24.19
CA GLU A 585 24.34 -1.38 -24.50
C GLU A 585 25.14 -1.74 -23.26
N ILE A 586 24.70 -1.30 -22.08
CA ILE A 586 25.39 -1.61 -20.84
C ILE A 586 25.02 -2.99 -20.34
N PHE A 587 23.73 -3.28 -20.28
CA PHE A 587 23.23 -4.52 -19.72
C PHE A 587 22.92 -5.58 -20.77
N LEU A 588 23.24 -5.30 -22.04
CA LEU A 588 23.30 -6.32 -23.09
C LEU A 588 21.95 -6.99 -23.34
N MET A 589 20.86 -6.26 -23.13
CA MET A 589 19.53 -6.80 -23.35
C MET A 589 18.55 -5.63 -23.40
N PRO A 590 17.33 -5.85 -23.92
CA PRO A 590 16.34 -4.77 -23.92
C PRO A 590 16.00 -4.35 -22.50
N LEU A 591 15.86 -3.03 -22.31
CA LEU A 591 15.25 -2.52 -21.08
C LEU A 591 13.73 -2.66 -21.11
N TRP A 592 13.15 -2.59 -22.31
CA TRP A 592 11.72 -2.76 -22.50
C TRP A 592 11.49 -3.29 -23.91
N THR A 593 10.39 -4.00 -24.09
CA THR A 593 10.03 -4.57 -25.38
C THR A 593 8.51 -4.45 -25.55
N SER A 594 8.07 -3.73 -26.56
CA SER A 594 6.66 -3.41 -26.75
C SER A 594 6.13 -4.08 -28.01
N TYR A 595 4.93 -4.65 -27.90
CA TYR A 595 4.27 -5.26 -29.03
C TYR A 595 2.77 -5.35 -28.75
N THR A 596 1.99 -5.34 -29.82
CA THR A 596 0.55 -5.43 -29.75
C THR A 596 0.08 -6.73 -30.39
N ILE A 597 -0.83 -7.43 -29.72
CA ILE A 597 -1.47 -8.63 -30.26
C ILE A 597 -2.96 -8.34 -30.36
N SER A 598 -3.49 -8.39 -31.59
CA SER A 598 -4.90 -8.11 -31.82
C SER A 598 -5.75 -9.30 -31.38
N LYS A 599 -7.07 -9.06 -31.31
CA LYS A 599 -7.99 -10.15 -31.02
C LYS A 599 -7.92 -11.22 -32.10
N GLN A 600 -7.76 -10.80 -33.35
CA GLN A 600 -7.53 -11.74 -34.46
C GLN A 600 -6.02 -11.92 -34.61
N ALA A 601 -5.51 -13.04 -34.09
CA ALA A 601 -4.11 -13.37 -34.24
C ALA A 601 -3.97 -14.88 -34.30
N GLU A 602 -3.04 -15.35 -35.13
CA GLU A 602 -2.78 -16.77 -35.30
C GLU A 602 -1.53 -17.14 -34.50
N VAL A 603 -1.70 -18.04 -33.53
CA VAL A 603 -0.55 -18.55 -32.79
C VAL A 603 0.25 -19.48 -33.70
N SER A 604 1.58 -19.41 -33.59
CA SER A 604 2.47 -20.29 -34.31
C SER A 604 3.39 -20.97 -33.32
N SER A 605 4.15 -21.95 -33.82
CA SER A 605 5.14 -22.64 -33.02
C SER A 605 6.53 -22.20 -33.48
N ILE A 606 7.46 -22.18 -32.53
CA ILE A 606 8.88 -22.03 -32.87
C ILE A 606 9.25 -23.23 -33.74
N PRO A 607 9.69 -23.03 -34.98
CA PRO A 607 9.99 -24.18 -35.83
C PRO A 607 11.11 -25.01 -35.24
N GLU A 608 11.06 -26.31 -35.52
CA GLU A 608 12.07 -27.24 -34.99
C GLU A 608 13.47 -26.88 -35.49
N HIS A 609 13.59 -26.56 -36.77
CA HIS A 609 14.87 -26.12 -37.31
C HIS A 609 15.30 -24.79 -36.73
N LEU A 610 14.34 -23.93 -36.38
CA LEU A 610 14.61 -22.62 -35.80
C LEU A 610 14.61 -22.65 -34.28
N THR A 611 14.55 -23.83 -33.66
CA THR A 611 14.41 -23.92 -32.22
C THR A 611 15.60 -23.27 -31.51
N ASN A 612 16.81 -23.56 -31.96
CA ASN A 612 18.02 -23.02 -31.36
C ASN A 612 18.63 -21.89 -32.19
N CYS A 613 17.84 -21.26 -33.05
CA CYS A 613 18.35 -20.19 -33.89
C CYS A 613 18.52 -18.90 -33.07
N VAL A 614 19.70 -18.31 -33.16
CA VAL A 614 19.96 -16.97 -32.64
C VAL A 614 20.76 -16.21 -33.69
N ARG A 615 20.29 -15.01 -34.04
CA ARG A 615 20.90 -14.28 -35.13
C ARG A 615 21.53 -12.99 -34.65
N PRO A 616 22.69 -12.62 -35.19
CA PRO A 616 23.28 -11.32 -34.85
C PRO A 616 22.42 -10.17 -35.36
N ASP A 617 22.43 -9.08 -34.59
CA ASP A 617 21.76 -7.85 -34.98
C ASP A 617 22.80 -6.91 -35.60
N VAL A 618 22.66 -6.66 -36.90
CA VAL A 618 23.64 -5.83 -37.61
C VAL A 618 23.58 -4.37 -37.23
N ARG A 619 22.59 -3.97 -36.40
CA ARG A 619 22.51 -2.61 -35.89
C ARG A 619 23.25 -2.42 -34.58
N VAL A 620 23.71 -3.50 -33.95
CA VAL A 620 24.39 -3.45 -32.66
C VAL A 620 25.75 -4.12 -32.79
N SER A 621 26.76 -3.53 -32.18
CA SER A 621 28.12 -4.05 -32.27
C SER A 621 28.23 -5.38 -31.52
N PRO A 622 29.15 -6.26 -31.93
CA PRO A 622 29.38 -7.49 -31.16
C PRO A 622 29.81 -7.22 -29.73
N GLY A 623 30.56 -6.14 -29.49
CA GLY A 623 30.96 -5.81 -28.14
C GLY A 623 29.81 -5.43 -27.23
N PHE A 624 28.67 -5.03 -27.80
CA PHE A 624 27.48 -4.68 -27.03
C PHE A 624 26.39 -5.73 -27.19
N SER A 625 26.74 -6.90 -27.70
CA SER A 625 25.83 -8.01 -27.89
C SER A 625 26.17 -9.14 -26.94
N GLN A 626 25.20 -10.02 -26.72
CA GLN A 626 25.44 -11.24 -25.97
C GLN A 626 26.07 -12.29 -26.87
N ASN A 627 26.46 -13.41 -26.26
CA ASN A 627 26.99 -14.56 -26.99
C ASN A 627 26.34 -15.82 -26.46
N CYS A 628 26.09 -16.78 -27.36
CA CYS A 628 25.46 -18.03 -26.98
C CYS A 628 26.44 -19.02 -26.34
N LEU A 629 27.74 -18.76 -26.45
CA LEU A 629 28.72 -19.64 -25.81
C LEU A 629 28.57 -19.61 -24.28
N ALA A 630 28.29 -18.43 -23.73
CA ALA A 630 28.12 -18.31 -22.29
C ALA A 630 26.95 -19.16 -21.80
N TYR A 631 25.84 -19.14 -22.53
CA TYR A 631 24.68 -19.95 -22.15
C TYR A 631 25.00 -21.44 -22.24
N LYS A 632 25.81 -21.82 -23.23
CA LYS A 632 26.27 -23.20 -23.31
C LYS A 632 27.21 -23.52 -22.15
N ASN A 633 28.05 -22.56 -21.75
CA ASN A 633 29.00 -22.77 -20.67
C ASN A 633 28.40 -22.55 -19.28
N ASP A 634 27.13 -22.17 -19.19
CA ASP A 634 26.43 -22.04 -17.92
C ASP A 634 25.50 -23.23 -17.77
N LYS A 635 25.78 -24.10 -16.80
CA LYS A 635 25.03 -25.34 -16.67
C LYS A 635 23.59 -25.11 -16.18
N GLN A 636 23.30 -23.95 -15.58
CA GLN A 636 21.99 -23.72 -14.99
C GLN A 636 21.17 -22.67 -15.71
N MET A 637 21.79 -21.80 -16.52
CA MET A 637 21.07 -20.73 -17.20
C MET A 637 20.82 -21.08 -18.66
N SER A 638 19.61 -20.82 -19.11
CA SER A 638 19.21 -20.91 -20.51
C SER A 638 18.83 -19.50 -20.97
N TYR A 639 18.28 -19.41 -22.19
CA TYR A 639 17.87 -18.12 -22.71
C TYR A 639 16.43 -18.17 -23.20
N GLY A 640 15.76 -17.02 -23.08
CA GLY A 640 14.44 -16.82 -23.62
C GLY A 640 14.38 -15.54 -24.43
N PHE A 641 13.18 -15.25 -24.93
CA PHE A 641 12.96 -14.10 -25.82
C PHE A 641 11.86 -13.23 -25.25
N LEU A 642 12.10 -11.91 -25.23
CA LEU A 642 11.11 -10.98 -24.69
C LEU A 642 9.87 -10.94 -25.57
N PHE A 643 10.04 -10.76 -26.88
CA PHE A 643 8.93 -10.90 -27.80
C PHE A 643 8.81 -12.36 -28.21
N PRO A 644 7.67 -13.01 -28.00
CA PRO A 644 7.56 -14.45 -28.29
C PRO A 644 7.61 -14.72 -29.77
N PRO A 645 8.50 -15.61 -30.20
CA PRO A 645 8.49 -16.04 -31.61
C PRO A 645 7.19 -16.73 -32.00
N TYR A 646 6.45 -17.28 -31.05
CA TYR A 646 5.18 -17.94 -31.37
C TYR A 646 4.16 -16.98 -31.95
N LEU A 647 4.23 -15.70 -31.58
CA LEU A 647 3.24 -14.71 -32.00
C LEU A 647 3.72 -13.88 -33.19
N SER A 648 4.70 -14.37 -33.94
CA SER A 648 5.16 -13.67 -35.13
C SER A 648 4.05 -13.59 -36.17
N SER A 649 3.99 -12.47 -36.88
CA SER A 649 2.91 -12.26 -37.85
C SER A 649 3.09 -13.14 -39.09
N SER A 650 4.31 -13.28 -39.56
CA SER A 650 4.61 -13.98 -40.80
C SER A 650 5.89 -14.79 -40.64
N PRO A 651 6.10 -15.80 -41.49
CA PRO A 651 7.35 -16.57 -41.39
C PRO A 651 8.60 -15.73 -41.56
N GLU A 652 8.56 -14.68 -42.38
CA GLU A 652 9.73 -13.82 -42.54
C GLU A 652 9.97 -12.98 -41.28
N ALA A 653 8.89 -12.52 -40.63
CA ALA A 653 9.03 -11.70 -39.44
C ALA A 653 9.57 -12.49 -38.24
N LYS A 654 9.37 -13.81 -38.24
CA LYS A 654 9.85 -14.62 -37.11
C LYS A 654 11.36 -14.60 -37.01
N TYR A 655 12.06 -14.38 -38.13
CA TYR A 655 13.51 -14.32 -38.09
C TYR A 655 13.99 -13.18 -37.20
N ASP A 656 13.20 -12.11 -37.08
CA ASP A 656 13.55 -11.02 -36.19
C ASP A 656 13.41 -11.42 -34.72
N ALA A 657 12.43 -12.26 -34.40
CA ALA A 657 12.22 -12.70 -33.02
C ALA A 657 13.41 -13.50 -32.49
N PHE A 658 14.25 -14.03 -33.36
CA PHE A 658 15.40 -14.82 -32.97
C PHE A 658 16.70 -14.01 -32.96
N LEU A 659 16.60 -12.69 -33.02
CA LEU A 659 17.79 -11.85 -32.97
C LEU A 659 18.41 -11.89 -31.58
N VAL A 660 19.74 -11.74 -31.54
CA VAL A 660 20.47 -11.76 -30.27
C VAL A 660 20.00 -10.62 -29.38
N THR A 661 19.58 -9.50 -29.98
CA THR A 661 19.11 -8.35 -29.20
C THR A 661 17.75 -8.56 -28.57
N ASN A 662 17.08 -9.67 -28.85
CA ASN A 662 15.83 -10.05 -28.20
C ASN A 662 16.02 -11.13 -27.15
N MET A 663 17.26 -11.43 -26.79
CA MET A 663 17.58 -12.56 -25.92
C MET A 663 17.83 -12.09 -24.49
N VAL A 664 17.27 -12.82 -23.53
CA VAL A 664 17.45 -12.52 -22.11
C VAL A 664 17.77 -13.82 -21.38
N PRO A 665 18.51 -13.77 -20.27
CA PRO A 665 18.81 -15.01 -19.53
C PRO A 665 17.58 -15.52 -18.80
N MET A 666 17.36 -16.84 -18.87
CA MET A 666 16.20 -17.44 -18.25
C MET A 666 16.53 -18.84 -17.78
N TYR A 667 16.25 -19.13 -16.51
CA TYR A 667 16.37 -20.49 -16.01
C TYR A 667 15.37 -21.39 -16.72
N PRO A 668 15.70 -22.66 -16.93
CA PRO A 668 14.70 -23.60 -17.46
C PRO A 668 13.43 -23.62 -16.63
N ALA A 669 13.55 -23.50 -15.31
CA ALA A 669 12.37 -23.44 -14.45
C ALA A 669 11.52 -22.21 -14.77
N PHE A 670 12.15 -21.05 -14.96
CA PHE A 670 11.40 -19.86 -15.31
C PHE A 670 10.84 -19.96 -16.73
N LYS A 671 11.55 -20.62 -17.64
CA LYS A 671 11.09 -20.70 -19.03
C LYS A 671 9.78 -21.45 -19.14
N ARG A 672 9.50 -22.39 -18.23
CA ARG A 672 8.20 -23.04 -18.22
C ARG A 672 7.08 -22.03 -17.99
N VAL A 673 7.29 -21.12 -17.03
CA VAL A 673 6.29 -20.08 -16.77
C VAL A 673 6.20 -19.12 -17.95
N TRP A 674 7.34 -18.66 -18.45
CA TRP A 674 7.36 -17.66 -19.51
C TRP A 674 6.74 -18.19 -20.80
N THR A 675 7.07 -19.43 -21.17
CA THR A 675 6.58 -19.97 -22.44
C THR A 675 5.07 -20.16 -22.44
N TYR A 676 4.51 -20.63 -21.31
CA TYR A 676 3.06 -20.74 -21.21
C TYR A 676 2.41 -19.36 -21.27
N PHE A 677 3.01 -18.37 -20.63
CA PHE A 677 2.49 -17.00 -20.69
C PHE A 677 2.50 -16.48 -22.12
N GLN A 678 3.59 -16.72 -22.85
CA GLN A 678 3.72 -16.23 -24.22
C GLN A 678 2.87 -17.02 -25.20
N ARG A 679 2.89 -18.36 -25.10
CA ARG A 679 2.21 -19.18 -26.09
C ARG A 679 0.71 -19.23 -25.89
N VAL A 680 0.23 -19.16 -24.65
CA VAL A 680 -1.17 -19.39 -24.32
C VAL A 680 -1.84 -18.14 -23.76
N LEU A 681 -1.23 -17.53 -22.74
CA LEU A 681 -1.95 -16.52 -21.96
C LEU A 681 -2.12 -15.21 -22.72
N VAL A 682 -1.12 -14.83 -23.52
CA VAL A 682 -1.18 -13.52 -24.20
C VAL A 682 -2.35 -13.49 -25.19
N LYS A 683 -2.50 -14.55 -25.99
CA LYS A 683 -3.62 -14.59 -26.92
C LYS A 683 -4.95 -14.66 -26.18
N LYS A 684 -4.99 -15.40 -25.05
CA LYS A 684 -6.20 -15.44 -24.26
C LYS A 684 -6.58 -14.05 -23.75
N TYR A 685 -5.59 -13.29 -23.28
CA TYR A 685 -5.86 -11.91 -22.87
C TYR A 685 -6.27 -11.07 -24.06
N ALA A 686 -5.62 -11.27 -25.21
CA ALA A 686 -5.99 -10.53 -26.42
C ALA A 686 -7.41 -10.85 -26.86
N SER A 687 -7.87 -12.09 -26.63
CA SER A 687 -9.23 -12.46 -27.01
C SER A 687 -10.26 -11.86 -26.05
N GLU A 688 -9.95 -11.83 -24.76
CA GLU A 688 -10.90 -11.30 -23.78
C GLU A 688 -10.97 -9.78 -23.80
N ARG A 689 -9.85 -9.11 -24.06
CA ARG A 689 -9.76 -7.65 -23.91
C ARG A 689 -9.70 -6.94 -25.26
N ASN A 690 -10.07 -7.62 -26.34
CA ASN A 690 -10.04 -7.05 -27.69
C ASN A 690 -8.64 -6.54 -28.03
N GLY A 691 -7.68 -7.43 -27.91
CA GLY A 691 -6.31 -7.06 -28.15
C GLY A 691 -5.63 -6.52 -26.91
N VAL A 692 -4.31 -6.71 -26.85
CA VAL A 692 -3.51 -6.24 -25.73
C VAL A 692 -2.18 -5.72 -26.26
N ASN A 693 -1.69 -4.65 -25.64
CA ASN A 693 -0.32 -4.18 -25.83
C ASN A 693 0.50 -4.66 -24.64
N VAL A 694 1.67 -5.24 -24.92
CA VAL A 694 2.51 -5.84 -23.91
C VAL A 694 3.86 -5.14 -23.91
N ILE A 695 4.31 -4.72 -22.73
CA ILE A 695 5.66 -4.21 -22.51
C ILE A 695 6.35 -5.13 -21.52
N SER A 696 7.39 -5.82 -21.96
CA SER A 696 8.12 -6.76 -21.13
C SER A 696 9.59 -6.38 -21.07
N GLY A 697 10.25 -6.83 -20.01
CA GLY A 697 11.66 -6.56 -19.83
C GLY A 697 12.20 -7.12 -18.53
N PRO A 698 13.49 -6.91 -18.30
CA PRO A 698 14.13 -7.42 -17.09
C PRO A 698 14.03 -6.44 -15.92
N ILE A 699 14.20 -7.00 -14.73
CA ILE A 699 14.29 -6.22 -13.50
C ILE A 699 15.46 -6.75 -12.69
N PHE A 700 16.32 -5.84 -12.23
CA PHE A 700 17.46 -6.18 -11.38
C PHE A 700 17.26 -5.50 -10.03
N ASP A 701 17.00 -6.30 -9.00
CA ASP A 701 16.96 -5.81 -7.62
C ASP A 701 17.60 -6.88 -6.73
N TYR A 702 18.92 -6.80 -6.59
CA TYR A 702 19.65 -7.81 -5.80
C TYR A 702 19.72 -7.47 -4.33
N ASN A 703 19.51 -6.21 -3.96
CA ASN A 703 19.46 -5.81 -2.55
C ASN A 703 18.04 -5.68 -2.03
N TYR A 704 17.05 -6.15 -2.80
CA TYR A 704 15.63 -6.23 -2.41
C TYR A 704 15.17 -4.95 -1.72
N ASN A 705 15.39 -3.82 -2.38
CA ASN A 705 14.90 -2.53 -1.88
C ASN A 705 13.79 -1.95 -2.75
N GLY A 706 13.26 -2.72 -3.69
CA GLY A 706 12.22 -2.23 -4.57
C GLY A 706 12.68 -1.19 -5.56
N LEU A 707 13.98 -1.01 -5.72
CA LEU A 707 14.51 0.04 -6.58
C LEU A 707 15.46 -0.55 -7.61
N ARG A 708 15.73 0.26 -8.63
CA ARG A 708 16.55 -0.14 -9.76
C ARG A 708 18.00 -0.37 -9.33
N ASP A 709 18.56 -1.52 -9.71
CA ASP A 709 19.94 -1.82 -9.37
C ASP A 709 20.91 -1.01 -10.21
N ILE A 710 22.02 -0.62 -9.60
CA ILE A 710 23.16 -0.16 -10.36
C ILE A 710 23.98 -1.36 -10.81
N GLU A 711 24.90 -1.13 -11.77
CA GLU A 711 25.74 -2.21 -12.25
C GLU A 711 26.53 -2.85 -11.11
N ASP A 712 26.97 -2.04 -10.15
CA ASP A 712 27.72 -2.57 -9.03
C ASP A 712 26.86 -3.46 -8.13
N GLU A 713 25.58 -3.14 -8.01
CA GLU A 713 24.67 -3.93 -7.18
C GLU A 713 24.25 -5.24 -7.84
N ILE A 714 24.51 -5.42 -9.13
CA ILE A 714 24.24 -6.69 -9.80
C ILE A 714 25.29 -7.71 -9.37
N LYS A 715 24.83 -8.89 -8.94
CA LYS A 715 25.72 -9.86 -8.32
C LYS A 715 25.74 -11.23 -9.00
N GLN A 716 25.00 -11.43 -10.08
CA GLN A 716 25.09 -12.68 -10.83
C GLN A 716 25.16 -12.40 -12.33
N TYR A 717 25.99 -13.16 -13.02
CA TYR A 717 26.19 -13.02 -14.45
C TYR A 717 26.24 -14.42 -15.07
N VAL A 718 25.95 -14.48 -16.38
CA VAL A 718 26.09 -15.73 -17.09
C VAL A 718 27.56 -16.13 -17.09
N GLU A 719 27.80 -17.45 -17.06
CA GLU A 719 29.14 -17.97 -16.84
C GLU A 719 30.11 -17.46 -17.90
N GLY A 720 31.22 -16.87 -17.45
CA GLY A 720 32.22 -16.33 -18.34
C GLY A 720 31.70 -15.24 -19.24
N SER A 721 30.95 -14.28 -18.67
CA SER A 721 30.28 -13.28 -19.48
C SER A 721 30.03 -12.04 -18.65
N SER A 722 29.69 -10.96 -19.35
CA SER A 722 29.24 -9.72 -18.73
C SER A 722 27.72 -9.56 -18.79
N ILE A 723 27.00 -10.59 -19.21
CA ILE A 723 25.54 -10.53 -19.31
C ILE A 723 24.95 -10.65 -17.91
N PRO A 724 24.20 -9.67 -17.44
CA PRO A 724 23.61 -9.75 -16.10
C PRO A 724 22.37 -10.63 -16.08
N VAL A 725 22.14 -11.24 -14.92
CA VAL A 725 21.00 -12.13 -14.70
C VAL A 725 19.91 -11.34 -13.99
N PRO A 726 18.77 -11.09 -14.61
CA PRO A 726 17.68 -10.40 -13.91
C PRO A 726 17.18 -11.20 -12.72
N THR A 727 16.81 -10.49 -11.66
CA THR A 727 16.13 -11.13 -10.54
C THR A 727 14.65 -11.36 -10.84
N HIS A 728 14.06 -10.51 -11.69
CA HIS A 728 12.65 -10.60 -12.02
C HIS A 728 12.45 -10.26 -13.48
N TYR A 729 11.28 -10.64 -13.99
CA TYR A 729 10.81 -10.22 -15.31
C TYR A 729 9.42 -9.65 -15.17
N TYR A 730 9.16 -8.54 -15.87
CA TYR A 730 7.88 -7.85 -15.78
C TYR A 730 7.16 -7.89 -17.12
N SER A 731 5.87 -7.58 -17.08
CA SER A 731 5.11 -7.28 -18.28
C SER A 731 3.95 -6.37 -17.92
N ILE A 732 3.64 -5.45 -18.82
CA ILE A 732 2.53 -4.52 -18.67
C ILE A 732 1.55 -4.79 -19.80
N ILE A 733 0.32 -5.13 -19.45
CA ILE A 733 -0.69 -5.57 -20.42
C ILE A 733 -1.79 -4.54 -20.43
N THR A 734 -1.82 -3.71 -21.46
CA THR A 734 -2.76 -2.59 -21.56
C THR A 734 -3.74 -2.81 -22.69
N SER A 735 -4.98 -2.37 -22.48
CA SER A 735 -6.02 -2.43 -23.49
C SER A 735 -7.03 -1.32 -23.22
N CYS A 736 -7.99 -1.19 -24.13
CA CYS A 736 -9.03 -0.18 -23.98
C CYS A 736 -10.03 -0.63 -22.90
N LEU A 737 -10.32 0.27 -21.96
CA LEU A 737 -11.33 -0.04 -20.95
C LEU A 737 -12.68 -0.29 -21.61
N ASP A 738 -13.03 0.51 -22.61
CA ASP A 738 -14.13 0.19 -23.51
C ASP A 738 -13.63 -0.88 -24.47
N PHE A 739 -13.93 -2.14 -24.16
CA PHE A 739 -13.39 -3.23 -24.96
C PHE A 739 -14.10 -3.41 -26.30
N THR A 740 -15.15 -2.63 -26.57
CA THR A 740 -15.70 -2.61 -27.93
C THR A 740 -14.78 -1.92 -28.92
N GLN A 741 -13.74 -1.23 -28.45
CA GLN A 741 -12.72 -0.66 -29.30
C GLN A 741 -11.45 -1.50 -29.24
N PRO A 742 -10.74 -1.65 -30.35
CA PRO A 742 -9.47 -2.39 -30.34
C PRO A 742 -8.42 -1.65 -29.53
N ALA A 743 -7.41 -2.41 -29.07
CA ALA A 743 -6.36 -1.84 -28.25
C ALA A 743 -5.59 -0.75 -29.00
N ASP A 744 -5.30 -0.98 -30.27
CA ASP A 744 -4.52 -0.03 -31.06
C ASP A 744 -5.33 1.19 -31.49
N LYS A 745 -6.64 1.20 -31.26
CA LYS A 745 -7.51 2.32 -31.64
C LYS A 745 -8.43 2.69 -30.48
N CYS A 746 -7.85 2.85 -29.30
CA CYS A 746 -8.60 3.22 -28.11
C CYS A 746 -8.72 4.73 -28.00
N ASP A 747 -9.91 5.21 -27.61
CA ASP A 747 -10.20 6.63 -27.53
C ASP A 747 -10.18 7.18 -26.10
N GLY A 748 -10.63 6.40 -25.13
CA GLY A 748 -10.78 6.90 -23.78
C GLY A 748 -9.88 6.21 -22.77
N PRO A 749 -10.40 6.01 -21.55
CA PRO A 749 -9.57 5.45 -20.48
C PRO A 749 -9.09 4.05 -20.80
N LEU A 750 -7.93 3.71 -20.26
CA LEU A 750 -7.28 2.43 -20.51
C LEU A 750 -7.47 1.48 -19.34
N SER A 751 -7.25 0.20 -19.61
CA SER A 751 -7.27 -0.86 -18.61
C SER A 751 -5.92 -1.56 -18.61
N VAL A 752 -5.34 -1.76 -17.43
CA VAL A 752 -3.99 -2.28 -17.32
C VAL A 752 -3.97 -3.45 -16.34
N SER A 753 -3.15 -4.45 -16.64
CA SER A 753 -2.76 -5.49 -15.70
C SER A 753 -1.26 -5.68 -15.82
N SER A 754 -0.62 -6.03 -14.71
CA SER A 754 0.83 -6.16 -14.70
C SER A 754 1.26 -7.24 -13.72
N PHE A 755 2.47 -7.75 -13.93
CA PHE A 755 3.07 -8.71 -13.02
C PHE A 755 4.57 -8.47 -12.96
N ILE A 756 5.18 -8.96 -11.88
CA ILE A 756 6.63 -9.00 -11.72
C ILE A 756 6.95 -10.42 -11.25
N LEU A 757 7.30 -11.30 -12.18
CA LEU A 757 7.59 -12.68 -11.81
C LEU A 757 9.01 -12.82 -11.29
N PRO A 758 9.21 -13.46 -10.13
CA PRO A 758 10.57 -13.77 -9.70
C PRO A 758 11.24 -14.73 -10.68
N HIS A 759 12.53 -14.51 -10.89
CA HIS A 759 13.33 -15.32 -11.81
C HIS A 759 14.14 -16.30 -10.96
N ARG A 760 13.60 -17.51 -10.78
CA ARG A 760 14.17 -18.44 -9.83
C ARG A 760 14.59 -19.74 -10.52
N PRO A 761 15.60 -20.43 -9.97
CA PRO A 761 16.09 -21.65 -10.62
C PRO A 761 15.20 -22.87 -10.42
N ASP A 762 14.18 -22.78 -9.58
CA ASP A 762 13.26 -23.89 -9.36
C ASP A 762 11.85 -23.34 -9.23
N ASN A 763 10.87 -24.24 -9.24
CA ASN A 763 9.47 -23.89 -9.09
C ASN A 763 8.90 -24.36 -7.75
N ASP A 764 9.75 -24.38 -6.70
CA ASP A 764 9.31 -24.82 -5.39
C ASP A 764 8.21 -23.95 -4.81
N GLU A 765 8.11 -22.69 -5.26
CA GLU A 765 7.01 -21.83 -4.85
C GLU A 765 5.65 -22.42 -5.24
N SER A 766 5.60 -23.12 -6.37
CA SER A 766 4.36 -23.72 -6.88
C SER A 766 4.36 -25.19 -6.50
N CYS A 767 3.51 -25.56 -5.52
CA CYS A 767 3.46 -26.94 -5.05
C CYS A 767 2.95 -27.90 -6.12
N ASN A 768 2.19 -27.42 -7.10
CA ASN A 768 1.65 -28.27 -8.15
C ASN A 768 2.38 -28.10 -9.48
N SER A 769 3.69 -27.83 -9.44
CA SER A 769 4.44 -27.56 -10.66
C SER A 769 4.70 -28.81 -11.49
N SER A 770 4.62 -30.01 -10.88
CA SER A 770 4.84 -31.23 -11.64
C SER A 770 3.74 -31.50 -12.64
N GLU A 771 2.57 -30.89 -12.47
CA GLU A 771 1.46 -31.06 -13.38
C GLU A 771 1.61 -30.11 -14.57
N ASP A 772 0.62 -30.11 -15.46
CA ASP A 772 0.68 -29.24 -16.62
C ASP A 772 0.64 -27.77 -16.21
N GLU A 773 1.24 -26.92 -17.04
CA GLU A 773 1.30 -25.50 -16.75
C GLU A 773 -0.07 -24.86 -16.65
N SER A 774 -1.09 -25.48 -17.25
CA SER A 774 -2.46 -24.97 -17.14
C SER A 774 -3.01 -25.12 -15.72
N LYS A 775 -2.32 -25.83 -14.83
CA LYS A 775 -2.79 -26.07 -13.49
C LYS A 775 -2.11 -25.21 -12.43
N TRP A 776 -0.94 -24.62 -12.72
CA TRP A 776 -0.25 -23.83 -11.71
C TRP A 776 0.30 -22.49 -12.18
N VAL A 777 0.52 -22.27 -13.48
CA VAL A 777 1.24 -21.06 -13.90
C VAL A 777 0.42 -19.81 -13.65
N GLU A 778 -0.88 -19.84 -13.97
CA GLU A 778 -1.72 -18.67 -13.77
C GLU A 778 -1.80 -18.29 -12.30
N GLU A 779 -1.87 -19.28 -11.41
CA GLU A 779 -1.95 -18.99 -9.98
C GLU A 779 -0.68 -18.28 -9.50
N LEU A 780 0.48 -18.70 -9.99
CA LEU A 780 1.73 -18.04 -9.61
C LEU A 780 1.74 -16.58 -10.08
N MET A 781 1.26 -16.33 -11.29
CA MET A 781 1.26 -14.97 -11.83
C MET A 781 0.31 -14.06 -11.05
N LYS A 782 -0.85 -14.59 -10.65
CA LYS A 782 -1.79 -13.80 -9.86
C LYS A 782 -1.17 -13.37 -8.54
N MET A 783 -0.42 -14.26 -7.90
CA MET A 783 0.22 -13.93 -6.64
C MET A 783 1.27 -12.84 -6.79
N HIS A 784 1.88 -12.73 -7.98
CA HIS A 784 2.92 -11.74 -8.22
C HIS A 784 2.43 -10.61 -9.13
N THR A 785 1.14 -10.27 -9.03
CA THR A 785 0.62 -9.10 -9.72
C THR A 785 1.25 -7.83 -9.15
N ALA A 786 1.31 -6.79 -9.96
CA ALA A 786 2.00 -5.57 -9.55
C ALA A 786 1.37 -4.36 -10.20
N ARG A 787 1.58 -3.20 -9.56
CA ARG A 787 1.26 -1.93 -10.18
C ARG A 787 2.35 -1.56 -11.17
N VAL A 788 1.97 -0.78 -12.19
CA VAL A 788 2.95 -0.24 -13.11
C VAL A 788 3.96 0.61 -12.34
N ARG A 789 3.50 1.29 -11.29
CA ARG A 789 4.39 2.11 -10.48
C ARG A 789 5.51 1.27 -9.85
N ASP A 790 5.19 0.05 -9.41
CA ASP A 790 6.23 -0.83 -8.89
C ASP A 790 7.28 -1.13 -9.94
N ILE A 791 6.85 -1.40 -11.18
CA ILE A 791 7.78 -1.64 -12.27
C ILE A 791 8.63 -0.40 -12.52
N GLU A 792 8.02 0.79 -12.45
CA GLU A 792 8.76 2.02 -12.69
C GLU A 792 9.88 2.20 -11.67
N HIS A 793 9.62 1.89 -10.40
CA HIS A 793 10.66 1.97 -9.39
C HIS A 793 11.80 1.00 -9.69
N LEU A 794 11.46 -0.21 -10.13
CA LEU A 794 12.45 -1.26 -10.34
C LEU A 794 13.19 -1.13 -11.66
N THR A 795 12.72 -0.27 -12.57
CA THR A 795 13.32 -0.16 -13.90
C THR A 795 13.84 1.24 -14.23
N GLY A 796 13.45 2.27 -13.48
CA GLY A 796 13.83 3.62 -13.85
C GLY A 796 13.18 4.12 -15.12
N LEU A 797 12.06 3.51 -15.53
CA LEU A 797 11.36 3.86 -16.74
C LEU A 797 10.04 4.56 -16.40
N ASP A 798 9.60 5.43 -17.30
CA ASP A 798 8.33 6.15 -17.14
C ASP A 798 7.42 5.78 -18.31
N PHE A 799 6.25 5.24 -18.00
CA PHE A 799 5.33 4.73 -19.00
C PHE A 799 4.18 5.70 -19.22
N TYR A 800 3.41 5.44 -20.28
CA TYR A 800 2.18 6.17 -20.60
C TYR A 800 2.44 7.67 -20.76
N ARG A 801 3.54 8.01 -21.44
CA ARG A 801 3.91 9.42 -21.53
C ARG A 801 3.19 10.15 -22.67
N LYS A 802 2.89 9.45 -23.76
CA LYS A 802 2.21 10.05 -24.91
C LYS A 802 0.86 9.37 -25.09
N THR A 803 -0.15 9.87 -24.40
CA THR A 803 -1.51 9.33 -24.47
C THR A 803 -2.48 10.50 -24.53
N SER A 804 -3.78 10.21 -24.38
CA SER A 804 -4.83 11.20 -24.61
C SER A 804 -5.61 11.59 -23.36
N ARG A 805 -5.21 11.12 -22.18
CA ARG A 805 -5.83 11.49 -20.92
C ARG A 805 -4.88 12.36 -20.12
N SER A 806 -5.41 12.96 -19.06
CA SER A 806 -4.59 13.82 -18.20
C SER A 806 -3.55 13.01 -17.47
N TYR A 807 -2.48 13.68 -17.04
CA TYR A 807 -1.44 13.01 -16.27
C TYR A 807 -1.99 12.48 -14.96
N SER A 808 -2.99 13.17 -14.38
CA SER A 808 -3.62 12.69 -13.16
C SER A 808 -4.31 11.34 -13.38
N GLU A 809 -5.05 11.22 -14.48
CA GLU A 809 -5.68 9.95 -14.82
C GLU A 809 -4.63 8.86 -15.02
N ILE A 810 -3.52 9.21 -15.68
CA ILE A 810 -2.45 8.24 -15.90
C ILE A 810 -1.83 7.79 -14.58
N LEU A 811 -1.60 8.74 -13.67
CA LEU A 811 -1.02 8.39 -12.38
C LEU A 811 -1.90 7.41 -11.62
N THR A 812 -3.22 7.57 -11.74
CA THR A 812 -4.13 6.61 -11.13
C THR A 812 -4.00 5.24 -11.80
N LEU A 813 -3.80 5.21 -13.11
CA LEU A 813 -3.62 3.95 -13.81
C LEU A 813 -2.34 3.25 -13.37
N LYS A 814 -1.27 4.00 -13.14
CA LYS A 814 0.00 3.41 -12.72
C LYS A 814 -0.06 2.84 -11.32
N THR A 815 -0.97 3.32 -10.47
CA THR A 815 -1.13 2.79 -9.13
C THR A 815 -2.12 1.65 -9.04
N TYR A 816 -2.82 1.33 -10.14
CA TYR A 816 -3.82 0.28 -10.11
C TYR A 816 -3.17 -1.08 -9.89
N LEU A 817 -3.82 -1.91 -9.08
CA LEU A 817 -3.39 -3.28 -8.83
C LEU A 817 -4.54 -4.22 -9.16
N HIS A 818 -4.34 -5.05 -10.18
CA HIS A 818 -5.31 -6.10 -10.50
C HIS A 818 -5.17 -7.23 -9.48
N THR A 819 -6.20 -7.42 -8.66
CA THR A 819 -6.09 -8.32 -7.53
C THR A 819 -6.49 -9.76 -7.86
N TYR A 820 -7.36 -9.96 -8.84
CA TYR A 820 -7.98 -11.26 -9.13
C TYR A 820 -8.71 -11.83 -7.92
N GLU A 821 -9.06 -10.99 -6.96
CA GLU A 821 -9.68 -11.44 -5.72
C GLU A 821 -11.12 -10.95 -5.63
C1 NAG B . 9.66 4.75 -0.43
C2 NAG B . 10.74 4.14 -1.31
C3 NAG B . 12.07 4.14 -0.57
C4 NAG B . 12.40 5.52 -0.02
C5 NAG B . 11.21 6.12 0.72
C6 NAG B . 11.41 7.59 1.07
C7 NAG B . 10.09 2.44 -2.97
C8 NAG B . 9.75 1.00 -3.20
N2 NAG B . 10.37 2.78 -1.71
O3 NAG B . 13.11 3.71 -1.44
O4 NAG B . 13.47 5.37 0.92
O5 NAG B . 10.03 6.06 -0.08
O6 NAG B . 11.31 8.40 -0.09
O7 NAG B . 10.11 3.26 -3.89
C1 NAG B . 14.61 6.21 0.65
C2 NAG B . 15.28 6.50 1.99
C3 NAG B . 16.56 7.32 1.78
C4 NAG B . 17.46 6.69 0.74
C5 NAG B . 16.67 6.36 -0.53
C6 NAG B . 17.48 5.57 -1.54
C7 NAG B . 13.56 6.58 3.74
C8 NAG B . 12.69 7.46 4.58
N2 NAG B . 14.37 7.20 2.88
O3 NAG B . 17.25 7.40 3.03
O4 NAG B . 18.50 7.60 0.38
O5 NAG B . 15.53 5.56 -0.21
O6 NAG B . 16.86 5.57 -2.82
O7 NAG B . 13.52 5.35 3.83
C1 BMA B . 19.74 7.28 1.03
C2 BMA B . 20.90 7.57 0.06
C3 BMA B . 22.24 7.35 0.76
C4 BMA B . 22.31 8.12 2.09
C5 BMA B . 21.08 7.76 2.96
C6 BMA B . 21.02 8.55 4.25
O2 BMA B . 20.89 8.94 -0.35
O3 BMA B . 23.34 7.71 -0.07
O4 BMA B . 23.50 7.79 2.78
O5 BMA B . 19.89 8.04 2.23
O6 BMA B . 19.66 8.54 4.68
C1 MAN B . 19.55 9.23 5.94
C2 MAN B . 18.84 8.28 6.94
C3 MAN B . 17.35 8.15 6.57
C4 MAN B . 16.70 9.52 6.39
C5 MAN B . 17.49 10.35 5.36
C6 MAN B . 16.94 11.75 5.22
O2 MAN B . 18.85 8.80 8.26
O3 MAN B . 16.64 7.41 7.55
O4 MAN B . 15.36 9.37 5.94
O5 MAN B . 18.86 10.46 5.78
O6 MAN B . 16.78 12.30 6.53
C1 MAN B . 17.00 6.02 7.47
C2 MAN B . 15.74 5.23 7.14
C3 MAN B . 14.74 5.41 8.27
C4 MAN B . 15.36 4.95 9.61
C5 MAN B . 16.68 5.71 9.86
C6 MAN B . 17.44 5.17 11.05
O2 MAN B . 16.02 3.83 7.10
O3 MAN B . 13.52 4.72 8.03
O4 MAN B . 14.46 5.19 10.67
O5 MAN B . 17.56 5.59 8.70
O6 MAN B . 17.85 3.84 10.74
C1 MAN B . 16.52 3.51 5.79
C2 MAN B . 15.31 2.96 4.99
C3 MAN B . 14.88 1.63 5.58
C4 MAN B . 16.03 0.64 5.59
C5 MAN B . 17.24 1.23 6.35
C6 MAN B . 18.47 0.37 6.20
O2 MAN B . 15.68 2.69 3.65
O3 MAN B . 13.78 1.09 4.87
O4 MAN B . 15.63 -0.57 6.22
O5 MAN B . 17.58 2.55 5.83
O6 MAN B . 18.58 0.01 4.82
C1 NAG C . 14.09 -31.84 8.09
C2 NAG C . 14.68 -31.96 9.50
C3 NAG C . 15.69 -33.11 9.57
C4 NAG C . 15.10 -34.40 9.02
C5 NAG C . 14.53 -34.16 7.62
C6 NAG C . 13.83 -35.37 7.05
C7 NAG C . 14.64 -29.73 10.53
C8 NAG C . 15.45 -28.52 10.88
N2 NAG C . 15.30 -30.72 9.91
O3 NAG C . 16.09 -33.30 10.92
O4 NAG C . 16.10 -35.41 8.95
O5 NAG C . 13.56 -33.11 7.68
O6 NAG C . 12.76 -35.80 7.87
O7 NAG C . 13.45 -29.82 10.81
C1 NAG C . 15.78 -36.51 9.83
C2 NAG C . 16.66 -37.69 9.41
C3 NAG C . 17.25 -38.47 10.62
C4 NAG C . 16.38 -38.45 11.88
C5 NAG C . 15.51 -37.21 12.00
C6 NAG C . 15.46 -36.64 13.40
C7 NAG C . 14.82 -39.22 8.71
C8 NAG C . 14.33 -40.09 7.60
N2 NAG C . 15.99 -38.60 8.47
O3 NAG C . 18.56 -38.00 10.91
O4 NAG C . 15.57 -39.61 11.94
O5 NAG C . 16.03 -36.18 11.15
O6 NAG C . 14.18 -36.82 13.98
O7 NAG C . 14.21 -39.09 9.76
N1 ZF7 D . 3.03 6.52 19.97
C4 ZF7 D . -1.30 5.52 19.31
C5 ZF7 D . -0.01 5.36 19.73
C6 ZF7 D . 1.07 5.49 18.83
C7 ZF7 D . 2.50 5.31 19.32
C8 ZF7 D . 2.64 4.10 20.23
C10 ZF7 D . 4.07 7.33 18.05
C13 ZF7 D . 3.86 8.65 21.31
C15 ZF7 D . 4.81 7.45 21.34
C17 ZF7 D . 0.80 5.76 17.50
C20 ZF7 D . 0.28 6.36 14.64
C21 ZF7 D . -2.13 6.38 15.27
C22 ZF7 D . -3.68 7.08 13.45
C24 ZF7 D . -3.14 9.55 13.40
C26 ZF7 D . -2.26 10.65 11.31
C28 ZF7 D . -3.63 7.06 11.94
C1 ZF7 D . -3.18 6.25 16.20
C11 ZF7 D . 5.16 6.65 18.91
C12 ZF7 D . 3.41 8.96 19.89
C14 ZF7 D . 4.45 9.86 22.01
C16 ZF7 D . 4.47 6.42 20.26
C18 ZF7 D . -0.52 5.94 17.02
C19 ZF7 D . -0.81 6.22 15.65
C2 ZF7 D . -2.92 5.97 17.49
C23 ZF7 D . -4.04 8.45 13.97
C25 ZF7 D . -3.14 9.54 11.88
C27 ZF7 D . -2.72 8.16 11.38
C3 ZF7 D . -1.59 5.81 17.95
C9 ZF7 D . 3.03 7.72 19.09
F1 ZF7 D . -0.15 6.83 13.47
F2 ZF7 D . 0.89 5.20 14.39
F3 ZF7 D . 1.25 7.21 15.04
F4 ZF7 D . -2.71 11.87 11.61
F5 ZF7 D . -1.00 10.59 11.76
F6 ZF7 D . -2.18 10.60 9.97
O1 ZF7 D . 5.55 9.78 22.47
O2 ZF7 D . 3.79 10.87 22.05
O3 ZF7 D . -2.35 6.66 13.95
I IOD E . -2.80 5.69 31.72
C1 EDO F . 5.72 11.33 18.26
O1 EDO F . 5.20 12.63 18.53
C2 EDO F . 6.97 11.45 17.38
O2 EDO F . 7.50 10.13 17.13
ZN ZN G . 17.77 -2.54 -5.86
C1 EDO H . 23.10 2.53 -13.94
O1 EDO H . 23.30 2.05 -15.28
C2 EDO H . 24.22 2.03 -13.05
O2 EDO H . 25.49 2.40 -13.61
C1 EDO I . 19.55 -1.32 -14.89
O1 EDO I . 19.18 -2.05 -13.73
C2 EDO I . 19.43 0.18 -14.65
O2 EDO I . 20.20 0.65 -13.54
C1 EDO J . 10.91 -17.87 -24.58
O1 EDO J . 10.25 -17.14 -25.62
C2 EDO J . 10.17 -19.18 -24.33
O2 EDO J . 10.78 -19.86 -23.23
C1 EDO K . 15.48 -24.76 -20.95
O1 EDO K . 14.38 -25.45 -21.56
C2 EDO K . 16.78 -25.49 -21.25
O2 EDO K . 16.93 -25.62 -22.67
C1 EDO L . 8.05 -27.94 -6.65
O1 EDO L . 7.31 -26.88 -7.27
C2 EDO L . 9.20 -28.32 -7.55
O2 EDO L . 10.09 -27.21 -7.68
C1 PEG M . 12.63 -27.38 -14.29
O1 PEG M . 13.19 -27.19 -15.58
C2 PEG M . 11.28 -26.74 -14.19
O2 PEG M . 10.63 -27.13 -12.99
C3 PEG M . 11.46 -26.98 -11.84
C4 PEG M . 10.85 -27.70 -10.69
O4 PEG M . 11.64 -27.59 -9.52
C1 EDO N . -4.67 17.82 -14.41
O1 EDO N . -5.48 16.66 -14.63
C2 EDO N . -3.28 17.39 -13.97
O2 EDO N . -2.73 16.48 -14.93
ZN ZN O . -6.60 -6.21 15.85
ZN ZN P . -6.71 5.85 -17.99
C1 EDO Q . 1.09 -3.30 -4.34
O1 EDO Q . -0.09 -2.50 -4.31
C2 EDO Q . 2.32 -2.52 -4.76
O2 EDO Q . 2.72 -1.59 -3.73
C1 EDO R . -6.24 27.75 11.64
O1 EDO R . -7.01 28.92 11.34
C2 EDO R . -7.17 26.66 12.15
O2 EDO R . -7.88 27.13 13.32
C1 EDO S . -20.71 23.95 22.61
O1 EDO S . -20.22 23.41 21.38
C2 EDO S . -19.54 24.18 23.54
O2 EDO S . -19.61 25.58 23.82
C1 EDO T . 8.10 19.28 15.74
O1 EDO T . 7.69 19.91 14.52
C2 EDO T . 9.13 18.20 15.43
O2 EDO T . 10.21 18.73 14.65
C1 EDO U . -14.90 0.74 -8.30
O1 EDO U . -16.26 0.56 -7.85
C2 EDO U . -14.84 1.94 -9.22
O2 EDO U . -15.53 3.04 -8.60
ZN ZN V . -15.12 5.06 20.01
ZN ZN W . -4.55 7.38 21.03
ZN ZN X . 9.94 -10.39 18.26
ZN ZN Y . 3.24 -8.97 13.57
C1 EDO Z . 9.08 -18.39 -11.14
O1 EDO Z . 8.37 -19.52 -11.65
C2 EDO Z . 10.53 -18.80 -10.92
O2 EDO Z . 11.04 -19.42 -12.11
C1 EDO AA . 20.35 -23.45 -23.06
O1 EDO AA . 19.61 -23.66 -24.28
C2 EDO AA . 21.84 -23.54 -23.35
O2 EDO AA . 22.16 -22.70 -24.47
#